data_5GXH
#
_entry.id   5GXH
#
_cell.length_a   58.138
_cell.length_b   124.459
_cell.length_c   60.808
_cell.angle_alpha   90.00
_cell.angle_beta   116.96
_cell.angle_gamma   90.00
#
_symmetry.space_group_name_H-M   'P 1 21 1'
#
loop_
_entity.id
_entity.type
_entity.pdbx_description
1 polymer 'Gem-associated protein 5'
2 polymer "RNA (5'-R(*A*AP*UP*UP*UP*UP*UP*G)-3')"
3 non-polymer 'UNKNOWN ATOM OR ION'
4 non-polymer GLYCEROL
5 water water
#
loop_
_entity_poly.entity_id
_entity_poly.type
_entity_poly.pdbx_seq_one_letter_code
_entity_poly.pdbx_strand_id
1 'polypeptide(L)'
;MHHHHHHSSGRENLYFQGMGQEPRTLPPSPNWYCARCSDAVPGGLFGFAARTSVFLVRVGPGAGESPGTPPFRVIGELVG
HTERVSGFTFSHHPGQYNLCATSSDDGTVKIWDVETKTVVTEHALHQHTISTLHWSPRVKDLIVSGDEKGVVFCYWFNRN
DSQHLFIEPRTIFCLTCSPHHEDLVAIGYKDGIVVIIDISKKGEVIHRLRGHDDEIHSIAWCPLPGEDCLSINQEETSEE
AEITNGNAVAQAPVTKGCYLATGSKDQTIRIWSCSRGRGVMILKLPFLKRRGGGIDPTVKERLWLTLHWPSNQPTQLVSS
CFGGELLQWDLTQSWRRKYTLFSASSEGQNHSRIVFNLCPLQTEDDKQLLLSTSMDRDVKCWDIATLECSWTLPSLGGFA
YSLAFSSVDIGSLAIGVGDGMIRVWNTLSIKNNYDVKNFWQGVKSKVTALCWHPTKEGCLAFGTDDGKVGLYDTYSNKPP
QISSTYHKKTVYTLAWGPPVPPMSLGGEGDRPSLALYSCGGEGIVLQHNPWKLSGEAFDINKLIRDTNSIKYKLPVHTEI
SWKADGKIMALGNEDGSIEIFQIPNLKLICTIQQHHKLVNTISWHHEHGSQPELSYLMASGSNNAVIYVHNLKTVIESSP
ESPVTITEPYRTLSGHTAKITSVAWSPHHDGRLVSASYDGTAQVWDALREEPLCNFRGHQGRLLCVAWSPLDPDCIYSGA
DDFCVHKWLTSMQDHSRPPQGKKSIELEKKRLSQPKA
;
A
2 'polyribonucleotide' AAUUUUUG B
#
# COMPACT_ATOMS: atom_id res chain seq x y z
N GLN A 21 -9.37 -1.20 -18.64
CA GLN A 21 -9.31 0.01 -19.54
C GLN A 21 -8.33 1.15 -19.07
N GLU A 22 -8.26 1.53 -17.78
CA GLU A 22 -7.26 2.51 -17.29
C GLU A 22 -6.37 1.87 -16.17
N PRO A 23 -5.14 2.37 -16.02
CA PRO A 23 -4.33 1.79 -14.92
C PRO A 23 -4.89 2.13 -13.55
N ARG A 24 -4.42 1.46 -12.51
CA ARG A 24 -4.83 1.78 -11.15
C ARG A 24 -3.65 1.50 -10.26
N THR A 25 -3.56 2.21 -9.11
CA THR A 25 -2.46 2.01 -8.13
C THR A 25 -3.06 1.92 -6.75
N LEU A 26 -2.79 0.87 -6.03
CA LEU A 26 -2.99 0.88 -4.59
C LEU A 26 -1.69 1.36 -4.00
N PRO A 27 -1.72 2.52 -3.37
CA PRO A 27 -0.47 3.14 -2.97
C PRO A 27 -0.05 2.78 -1.56
N PRO A 28 1.14 3.17 -1.17
CA PRO A 28 1.46 3.07 0.23
C PRO A 28 0.61 3.93 1.12
N SER A 29 0.47 3.53 2.37
CA SER A 29 -0.39 4.26 3.31
C SER A 29 0.12 5.67 3.65
N PRO A 30 -0.83 6.61 3.81
CA PRO A 30 -0.45 7.93 4.37
C PRO A 30 0.30 7.83 5.65
N ASN A 31 1.33 8.66 5.84
CA ASN A 31 2.13 8.59 7.06
C ASN A 31 1.36 9.01 8.27
N TRP A 32 1.71 8.42 9.43
CA TRP A 32 0.95 8.66 10.65
C TRP A 32 1.64 9.71 11.53
N TYR A 33 0.85 10.35 12.33
CA TYR A 33 1.34 11.21 13.43
C TYR A 33 2.08 12.44 12.92
N CYS A 34 1.68 12.94 11.74
CA CYS A 34 2.29 14.15 11.16
C CYS A 34 1.16 15.20 11.06
N ALA A 35 1.38 16.33 11.69
CA ALA A 35 0.35 17.36 11.73
C ALA A 35 -0.09 17.89 10.37
N ARG A 36 0.81 17.95 9.42
CA ARG A 36 0.42 18.35 8.05
C ARG A 36 1.27 17.55 7.08
N CYS A 37 0.76 16.39 6.68
CA CYS A 37 1.48 15.67 5.61
C CYS A 37 0.61 15.33 4.41
N SER A 38 -0.43 16.16 4.24
CA SER A 38 -1.30 16.08 3.08
CA SER A 38 -1.33 16.06 3.12
C SER A 38 -1.86 17.47 2.85
N ASP A 39 -2.21 17.76 1.60
CA ASP A 39 -2.81 19.04 1.25
C ASP A 39 -3.45 18.91 -0.12
N ALA A 40 -4.27 19.87 -0.44
CA ALA A 40 -4.94 19.89 -1.77
C ALA A 40 -5.10 21.31 -2.25
N VAL A 41 -5.13 21.46 -3.56
CA VAL A 41 -5.39 22.72 -4.23
C VAL A 41 -6.63 22.61 -5.11
N PRO A 42 -7.17 23.77 -5.49
CA PRO A 42 -8.51 23.66 -6.14
C PRO A 42 -8.43 23.16 -7.56
N GLY A 43 -9.58 22.60 -7.99
CA GLY A 43 -9.73 21.98 -9.34
C GLY A 43 -10.21 20.51 -9.22
N GLY A 44 -9.41 19.61 -8.66
CA GLY A 44 -8.14 19.92 -8.15
C GLY A 44 -7.28 18.69 -7.88
N LEU A 45 -6.28 18.89 -7.01
CA LEU A 45 -5.24 17.94 -6.83
C LEU A 45 -4.96 17.77 -5.37
N PHE A 46 -4.84 16.52 -4.93
CA PHE A 46 -4.56 16.13 -3.52
C PHE A 46 -3.25 15.43 -3.50
N GLY A 47 -2.41 15.74 -2.51
CA GLY A 47 -1.12 15.04 -2.37
C GLY A 47 -1.06 14.59 -0.94
N PHE A 48 -0.43 13.43 -0.78
CA PHE A 48 -0.25 12.79 0.54
C PHE A 48 1.08 12.17 0.70
N ALA A 49 1.73 12.45 1.82
CA ALA A 49 3.02 11.84 2.13
C ALA A 49 2.78 10.36 2.52
N ALA A 50 3.55 9.46 1.92
CA ALA A 50 3.47 8.01 2.12
C ALA A 50 4.82 7.42 1.97
N ARG A 51 5.31 6.87 3.06
CA ARG A 51 6.63 6.40 3.19
C ARG A 51 7.66 7.49 2.81
N THR A 52 8.45 7.33 1.72
CA THR A 52 9.46 8.32 1.35
C THR A 52 9.02 9.17 0.14
N SER A 53 7.74 9.12 -0.19
CA SER A 53 7.17 9.82 -1.38
C SER A 53 6.02 10.69 -1.02
N VAL A 54 5.61 11.54 -1.97
CA VAL A 54 4.28 12.11 -1.98
C VAL A 54 3.51 11.57 -3.19
N PHE A 55 2.38 10.98 -2.96
CA PHE A 55 1.46 10.58 -4.03
C PHE A 55 0.47 11.69 -4.37
N LEU A 56 0.19 11.85 -5.65
CA LEU A 56 -0.69 12.84 -6.17
C LEU A 56 -1.93 12.21 -6.79
N VAL A 57 -3.09 12.73 -6.43
CA VAL A 57 -4.43 12.21 -6.87
C VAL A 57 -5.18 13.38 -7.48
N ARG A 58 -5.52 13.24 -8.76
CA ARG A 58 -6.50 14.16 -9.32
C ARG A 58 -7.90 13.84 -8.84
N VAL A 59 -8.63 14.85 -8.45
CA VAL A 59 -9.99 14.71 -8.01
C VAL A 59 -10.91 15.68 -8.79
N GLY A 60 -12.10 15.22 -9.15
CA GLY A 60 -13.16 16.05 -9.81
C GLY A 60 -13.25 15.71 -11.32
N PRO A 61 -13.82 16.63 -12.12
CA PRO A 61 -14.00 16.39 -13.57
C PRO A 61 -12.71 16.18 -14.32
N GLY A 62 -11.63 16.83 -13.89
CA GLY A 62 -10.31 16.61 -14.48
C GLY A 62 -9.78 15.17 -14.44
N ALA A 63 -10.33 14.31 -13.56
CA ALA A 63 -9.79 12.94 -13.43
C ALA A 63 -10.19 12.15 -14.67
N GLY A 64 -11.43 12.40 -15.11
CA GLY A 64 -11.98 11.84 -16.36
C GLY A 64 -12.71 10.52 -16.18
N GLU A 65 -13.43 10.36 -15.06
CA GLU A 65 -14.19 9.14 -14.78
C GLU A 65 -15.65 9.21 -15.29
N SER A 66 -16.17 8.05 -15.73
CA SER A 66 -17.54 7.90 -16.18
C SER A 66 -18.47 8.33 -15.06
N PRO A 67 -19.59 8.98 -15.41
CA PRO A 67 -20.48 9.42 -14.32
C PRO A 67 -20.91 8.27 -13.40
N GLY A 68 -20.96 8.51 -12.10
CA GLY A 68 -21.35 7.48 -11.17
C GLY A 68 -20.15 6.84 -10.49
N THR A 69 -19.11 6.51 -11.27
CA THR A 69 -17.81 6.01 -10.73
C THR A 69 -16.96 7.17 -10.09
N PRO A 70 -16.33 6.94 -8.87
CA PRO A 70 -15.83 8.12 -8.14
C PRO A 70 -14.82 8.95 -8.93
N PRO A 71 -14.99 10.28 -8.89
CA PRO A 71 -14.17 11.12 -9.76
C PRO A 71 -12.77 11.38 -9.13
N PHE A 72 -11.95 10.34 -9.03
CA PHE A 72 -10.54 10.50 -8.69
C PHE A 72 -9.61 9.57 -9.43
N ARG A 73 -8.36 9.96 -9.51
CA ARG A 73 -7.34 9.12 -10.11
C ARG A 73 -5.99 9.37 -9.52
N VAL A 74 -5.28 8.30 -9.18
CA VAL A 74 -3.93 8.42 -8.75
C VAL A 74 -3.02 8.75 -9.97
N ILE A 75 -2.31 9.87 -9.96
CA ILE A 75 -1.66 10.36 -11.17
C ILE A 75 -0.16 10.52 -11.15
N GLY A 76 0.50 10.43 -10.00
CA GLY A 76 1.90 10.73 -9.95
C GLY A 76 2.48 10.58 -8.57
N GLU A 77 3.78 10.68 -8.53
CA GLU A 77 4.52 10.57 -7.26
C GLU A 77 5.69 11.53 -7.26
N LEU A 78 5.99 12.19 -6.11
CA LEU A 78 7.21 12.97 -5.94
C LEU A 78 8.23 12.10 -5.29
N VAL A 79 9.27 11.75 -6.06
CA VAL A 79 10.29 10.82 -5.68
C VAL A 79 11.61 11.53 -5.56
N GLY A 80 12.32 11.31 -4.44
CA GLY A 80 13.62 11.93 -4.24
C GLY A 80 14.05 11.97 -2.79
N HIS A 81 13.12 12.05 -1.81
CA HIS A 81 13.56 11.90 -0.43
C HIS A 81 14.00 10.46 -0.15
N THR A 82 14.93 10.33 0.77
CA THR A 82 15.54 9.04 1.11
C THR A 82 15.08 8.50 2.45
N GLU A 83 14.25 9.25 3.17
CA GLU A 83 13.67 8.81 4.42
C GLU A 83 12.21 9.37 4.48
N ARG A 84 11.48 8.92 5.50
CA ARG A 84 10.08 9.31 5.77
C ARG A 84 9.84 10.80 5.44
N VAL A 85 8.81 11.05 4.68
CA VAL A 85 8.29 12.39 4.46
C VAL A 85 7.40 12.74 5.64
N SER A 86 7.72 13.81 6.32
CA SER A 86 7.02 14.24 7.52
C SER A 86 6.12 15.42 7.35
N GLY A 87 6.13 16.05 6.20
CA GLY A 87 5.42 17.30 5.96
C GLY A 87 5.17 17.46 4.47
N PHE A 88 4.02 18.03 4.13
CA PHE A 88 3.67 18.36 2.78
C PHE A 88 2.69 19.51 2.75
N THR A 89 2.92 20.49 1.85
CA THR A 89 2.11 21.70 1.79
C THR A 89 2.15 22.18 0.33
N PHE A 90 1.01 22.50 -0.22
CA PHE A 90 1.00 23.11 -1.56
C PHE A 90 1.11 24.62 -1.32
N SER A 91 1.54 25.32 -2.36
CA SER A 91 1.30 26.74 -2.51
C SER A 91 -0.16 26.95 -2.83
N HIS A 92 -0.79 27.93 -2.17
CA HIS A 92 -2.16 28.30 -2.46
C HIS A 92 -2.25 29.70 -3.13
N HIS A 93 -1.25 30.00 -3.88
CA HIS A 93 -1.18 31.28 -4.58
C HIS A 93 -1.67 30.98 -5.98
N PRO A 94 -2.71 31.69 -6.40
CA PRO A 94 -3.19 31.52 -7.83
C PRO A 94 -2.08 31.70 -8.84
N GLY A 95 -2.04 30.78 -9.79
CA GLY A 95 -0.98 30.68 -10.80
C GLY A 95 0.20 29.80 -10.46
N GLN A 96 0.37 29.42 -9.18
CA GLN A 96 1.43 28.55 -8.70
C GLN A 96 0.88 27.44 -7.78
N TYR A 97 -0.34 26.99 -8.05
CA TYR A 97 -0.88 25.80 -7.40
C TYR A 97 -0.07 24.55 -7.76
N ASN A 98 0.81 24.62 -8.73
CA ASN A 98 1.66 23.54 -9.11
C ASN A 98 2.90 23.44 -8.21
N LEU A 99 3.14 24.41 -7.34
CA LEU A 99 4.32 24.36 -6.48
C LEU A 99 3.89 23.75 -5.13
N CYS A 100 4.79 22.99 -4.53
CA CYS A 100 4.61 22.47 -3.18
C CYS A 100 5.94 22.23 -2.50
N ALA A 101 5.88 21.94 -1.19
CA ALA A 101 7.06 21.71 -0.39
C ALA A 101 6.87 20.47 0.48
N THR A 102 7.93 19.76 0.72
CA THR A 102 8.00 18.67 1.59
C THR A 102 9.14 18.81 2.59
N SER A 103 8.96 18.11 3.72
CA SER A 103 10.01 17.88 4.69
C SER A 103 10.22 16.44 4.89
N SER A 104 11.38 16.08 5.34
CA SER A 104 11.75 14.65 5.48
C SER A 104 12.73 14.42 6.62
N ASP A 105 12.66 13.19 7.14
CA ASP A 105 13.64 12.74 8.10
C ASP A 105 15.09 12.69 7.47
N ASP A 106 15.22 12.83 6.16
CA ASP A 106 16.54 12.94 5.53
C ASP A 106 17.16 14.28 5.78
N GLY A 107 16.48 15.19 6.45
CA GLY A 107 17.05 16.49 6.78
C GLY A 107 16.78 17.61 5.77
N THR A 108 16.01 17.34 4.73
CA THR A 108 15.81 18.31 3.70
C THR A 108 14.38 18.84 3.67
N VAL A 109 14.27 20.09 3.19
CA VAL A 109 13.04 20.73 2.78
C VAL A 109 13.18 20.94 1.28
N LYS A 110 12.26 20.35 0.51
CA LYS A 110 12.31 20.42 -0.99
C LYS A 110 11.11 21.19 -1.54
N ILE A 111 11.36 22.02 -2.56
CA ILE A 111 10.29 22.68 -3.29
C ILE A 111 10.18 21.92 -4.60
N TRP A 112 8.97 21.58 -4.95
CA TRP A 112 8.67 20.77 -6.14
C TRP A 112 7.69 21.47 -7.07
N ASP A 113 7.76 21.10 -8.35
CA ASP A 113 6.84 21.51 -9.34
C ASP A 113 6.13 20.24 -9.75
N VAL A 114 4.85 20.10 -9.48
CA VAL A 114 4.16 18.83 -9.74
C VAL A 114 3.89 18.63 -11.21
N GLU A 115 4.02 19.67 -12.00
CA GLU A 115 3.87 19.50 -13.48
C GLU A 115 4.97 18.60 -14.02
N THR A 116 6.20 18.77 -13.55
CA THR A 116 7.31 17.95 -13.95
C THR A 116 7.71 16.91 -12.91
N LYS A 117 7.11 16.92 -11.73
CA LYS A 117 7.55 16.02 -10.59
C LYS A 117 9.02 16.16 -10.27
N THR A 118 9.57 17.36 -10.37
CA THR A 118 10.96 17.55 -10.11
C THR A 118 11.15 18.59 -9.05
N VAL A 119 12.30 18.54 -8.40
CA VAL A 119 12.71 19.51 -7.43
C VAL A 119 13.14 20.83 -8.08
N VAL A 120 12.60 21.94 -7.61
CA VAL A 120 13.00 23.26 -8.03
C VAL A 120 14.22 23.69 -7.26
N THR A 121 14.17 23.57 -5.94
CA THR A 121 15.30 23.85 -5.10
C THR A 121 15.01 23.23 -3.73
N GLU A 122 15.97 23.28 -2.83
CA GLU A 122 15.87 22.60 -1.53
C GLU A 122 16.90 23.19 -0.59
N HIS A 123 16.71 22.90 0.69
CA HIS A 123 17.68 23.31 1.71
C HIS A 123 17.81 22.19 2.75
N ALA A 124 18.96 22.19 3.38
CA ALA A 124 19.27 21.29 4.48
C ALA A 124 19.67 22.10 5.75
N LEU A 125 18.96 23.17 6.06
CA LEU A 125 19.28 24.06 7.19
C LEU A 125 19.02 23.43 8.54
N HIS A 126 17.99 22.60 8.63
CA HIS A 126 17.70 21.95 9.91
C HIS A 126 18.82 20.97 10.27
N GLN A 127 19.09 20.91 11.56
CA GLN A 127 20.03 19.89 12.08
C GLN A 127 19.34 18.86 12.98
N HIS A 128 18.05 19.04 13.28
CA HIS A 128 17.27 18.08 14.05
C HIS A 128 16.04 17.67 13.26
N THR A 129 15.43 16.57 13.61
CA THR A 129 14.29 15.98 12.84
C THR A 129 13.17 17.03 12.67
N ILE A 130 12.78 17.25 11.43
CA ILE A 130 11.79 18.24 11.09
C ILE A 130 10.43 17.71 11.52
N SER A 131 9.63 18.58 12.08
CA SER A 131 8.29 18.25 12.55
C SER A 131 7.27 18.51 11.48
N THR A 132 7.32 19.70 10.89
CA THR A 132 6.30 20.11 9.93
C THR A 132 6.75 21.31 9.14
N LEU A 133 5.94 21.68 8.17
CA LEU A 133 6.20 22.89 7.42
C LEU A 133 4.89 23.43 6.85
N HIS A 134 4.91 24.71 6.45
CA HIS A 134 3.71 25.33 5.91
C HIS A 134 4.11 26.38 4.85
N TRP A 135 3.42 26.38 3.74
CA TRP A 135 3.56 27.43 2.72
C TRP A 135 2.74 28.62 3.12
N SER A 136 3.38 29.79 3.22
CA SER A 136 2.68 31.02 3.60
C SER A 136 1.48 31.29 2.62
N PRO A 137 0.26 31.51 3.15
CA PRO A 137 -0.87 31.98 2.35
C PRO A 137 -0.66 33.39 1.78
N ARG A 138 0.29 34.18 2.33
CA ARG A 138 0.43 35.60 1.97
C ARG A 138 1.67 35.94 1.23
N VAL A 139 2.74 35.21 1.43
CA VAL A 139 3.97 35.45 0.74
C VAL A 139 4.25 34.35 -0.26
N LYS A 140 4.47 34.72 -1.54
CA LYS A 140 4.47 33.68 -2.59
C LYS A 140 5.57 32.64 -2.51
N ASP A 141 6.78 32.99 -2.05
CA ASP A 141 7.80 32.01 -1.97
C ASP A 141 8.27 31.63 -0.53
N LEU A 142 7.48 31.92 0.49
CA LEU A 142 7.88 31.73 1.90
C LEU A 142 7.35 30.37 2.40
N ILE A 143 8.26 29.51 2.84
CA ILE A 143 7.92 28.24 3.47
C ILE A 143 8.56 28.26 4.88
N VAL A 144 7.75 28.00 5.88
CA VAL A 144 8.19 28.03 7.26
C VAL A 144 8.17 26.59 7.78
N SER A 145 9.31 26.13 8.32
CA SER A 145 9.52 24.78 8.81
C SER A 145 9.98 24.79 10.28
N GLY A 146 9.57 23.75 11.03
CA GLY A 146 9.93 23.66 12.45
C GLY A 146 10.36 22.31 12.81
N ASP A 147 11.28 22.20 13.79
CA ASP A 147 11.83 20.91 14.17
C ASP A 147 11.64 20.49 15.64
N GLU A 148 12.14 19.31 15.98
CA GLU A 148 11.93 18.66 17.28
CA GLU A 148 11.88 18.72 17.29
C GLU A 148 12.66 19.36 18.43
N LYS A 149 13.57 20.27 18.09
CA LYS A 149 14.33 21.03 19.16
C LYS A 149 13.84 22.42 19.26
N GLY A 150 12.84 22.76 18.45
CA GLY A 150 12.23 24.07 18.47
C GLY A 150 12.77 25.08 17.47
N VAL A 151 13.70 24.68 16.62
CA VAL A 151 14.20 25.57 15.61
C VAL A 151 13.17 25.71 14.47
N VAL A 152 12.93 26.97 14.11
CA VAL A 152 12.11 27.35 12.97
C VAL A 152 13.03 27.95 11.87
N PHE A 153 12.85 27.54 10.63
CA PHE A 153 13.44 28.26 9.48
C PHE A 153 12.36 28.87 8.60
N CYS A 154 12.58 30.15 8.26
CA CYS A 154 11.82 30.82 7.22
C CYS A 154 12.65 30.77 5.98
N TYR A 155 12.06 30.29 4.90
CA TYR A 155 12.81 30.06 3.65
C TYR A 155 12.08 30.74 2.53
N TRP A 156 12.68 31.78 1.95
CA TRP A 156 12.10 32.47 0.79
C TRP A 156 12.85 31.86 -0.40
N PHE A 157 12.26 30.83 -1.04
CA PHE A 157 12.99 29.91 -1.88
C PHE A 157 13.38 30.61 -3.21
N ASN A 158 12.60 31.60 -3.60
CA ASN A 158 12.78 32.20 -4.90
C ASN A 158 13.62 33.48 -4.82
N ARG A 159 14.25 33.75 -3.71
CA ARG A 159 15.29 34.79 -3.64
C ARG A 159 16.50 34.29 -2.87
N ASN A 160 16.60 33.00 -2.64
CA ASN A 160 17.69 32.44 -1.84
C ASN A 160 17.98 33.16 -0.54
N ASP A 161 16.95 33.30 0.31
CA ASP A 161 17.14 33.90 1.62
C ASP A 161 16.46 32.91 2.64
N SER A 162 16.98 32.96 3.84
CA SER A 162 16.44 32.18 4.96
C SER A 162 16.76 32.89 6.24
N GLN A 163 16.00 32.59 7.29
CA GLN A 163 16.24 33.12 8.60
C GLN A 163 15.88 31.99 9.59
N HIS A 164 16.74 31.74 10.57
CA HIS A 164 16.36 30.84 11.69
C HIS A 164 15.72 31.65 12.77
N LEU A 165 14.81 31.03 13.48
CA LEU A 165 14.09 31.59 14.65
C LEU A 165 14.09 30.50 15.71
N PHE A 166 14.07 30.91 16.97
CA PHE A 166 14.04 29.98 18.08
C PHE A 166 13.23 30.59 19.13
N ILE A 167 12.14 29.91 19.50
CA ILE A 167 11.19 30.55 20.34
C ILE A 167 11.33 29.90 21.72
N GLU A 168 10.97 28.66 21.81
CA GLU A 168 10.98 27.90 23.04
C GLU A 168 11.72 26.58 22.82
N PRO A 169 12.45 26.11 23.84
CA PRO A 169 13.21 24.88 23.73
C PRO A 169 12.28 23.70 23.97
N ARG A 170 11.45 23.41 22.97
CA ARG A 170 10.39 22.39 23.12
C ARG A 170 10.13 21.87 21.71
N THR A 171 9.64 20.65 21.60
CA THR A 171 9.37 20.02 20.31
C THR A 171 8.15 20.63 19.66
N ILE A 172 8.31 21.03 18.41
CA ILE A 172 7.27 21.63 17.64
C ILE A 172 6.46 20.45 17.10
N PHE A 173 5.15 20.54 17.22
CA PHE A 173 4.24 19.60 16.61
C PHE A 173 3.59 20.17 15.39
N CYS A 174 3.16 21.42 15.47
CA CYS A 174 2.40 21.99 14.35
C CYS A 174 2.68 23.47 14.21
N LEU A 175 2.52 23.98 12.99
CA LEU A 175 2.62 25.38 12.76
C LEU A 175 1.81 25.79 11.56
N THR A 176 1.18 26.94 11.67
CA THR A 176 0.29 27.48 10.65
C THR A 176 0.48 28.98 10.51
N CYS A 177 0.94 29.40 9.34
CA CYS A 177 1.03 30.82 8.98
C CYS A 177 -0.39 31.41 8.90
N SER A 178 -0.52 32.63 9.37
CA SER A 178 -1.77 33.34 9.26
C SER A 178 -2.20 33.56 7.81
N PRO A 179 -3.49 33.40 7.55
CA PRO A 179 -4.05 33.74 6.21
C PRO A 179 -4.16 35.24 5.96
N HIS A 180 -4.08 36.06 7.00
CA HIS A 180 -4.32 37.51 6.86
C HIS A 180 -3.09 38.35 7.02
N HIS A 181 -2.16 37.97 7.90
CA HIS A 181 -1.02 38.81 8.19
C HIS A 181 0.23 38.05 7.83
N GLU A 182 0.98 38.55 6.87
CA GLU A 182 2.16 37.88 6.38
C GLU A 182 3.27 37.58 7.40
N ASP A 183 3.33 38.32 8.49
CA ASP A 183 4.38 38.12 9.47
C ASP A 183 4.03 37.18 10.63
N LEU A 184 2.80 36.76 10.73
CA LEU A 184 2.33 36.06 11.92
C LEU A 184 2.22 34.55 11.68
N VAL A 185 2.74 33.78 12.63
CA VAL A 185 2.76 32.30 12.50
C VAL A 185 2.37 31.79 13.88
N ALA A 186 1.48 30.79 13.93
CA ALA A 186 1.13 30.15 15.13
C ALA A 186 1.87 28.84 15.22
N ILE A 187 2.39 28.52 16.40
CA ILE A 187 3.16 27.33 16.61
C ILE A 187 2.64 26.58 17.84
N GLY A 188 2.46 25.27 17.73
CA GLY A 188 2.01 24.42 18.81
C GLY A 188 2.99 23.36 19.15
N TYR A 189 3.19 23.14 20.43
CA TYR A 189 4.22 22.29 20.94
C TYR A 189 3.70 21.04 21.61
N LYS A 190 4.61 20.14 21.78
CA LYS A 190 4.38 18.82 22.39
C LYS A 190 3.78 18.90 23.82
N ASP A 191 4.05 19.99 24.56
CA ASP A 191 3.56 20.11 25.93
C ASP A 191 2.29 20.89 26.05
N GLY A 192 1.73 21.39 24.92
CA GLY A 192 0.49 22.06 24.95
C GLY A 192 0.64 23.60 24.83
N ILE A 193 1.89 24.09 24.79
CA ILE A 193 2.09 25.48 24.57
C ILE A 193 1.70 25.89 23.11
N VAL A 194 0.97 27.00 23.00
CA VAL A 194 0.68 27.62 21.69
C VAL A 194 1.14 29.05 21.72
N VAL A 195 1.90 29.51 20.70
CA VAL A 195 2.34 30.91 20.60
C VAL A 195 2.03 31.44 19.21
N ILE A 196 1.80 32.74 19.11
CA ILE A 196 1.73 33.50 17.86
C ILE A 196 2.96 34.35 17.84
N ILE A 197 3.79 34.18 16.81
CA ILE A 197 5.06 34.89 16.75
C ILE A 197 5.06 35.79 15.56
N ASP A 198 5.89 36.82 15.61
CA ASP A 198 6.10 37.76 14.49
C ASP A 198 7.46 37.54 13.82
N ILE A 199 7.42 36.97 12.63
CA ILE A 199 8.62 36.59 11.98
C ILE A 199 9.51 37.75 11.52
N SER A 200 8.97 38.97 11.49
CA SER A 200 9.68 40.19 11.07
C SER A 200 10.40 40.81 12.28
N LYS A 201 10.09 40.33 13.49
CA LYS A 201 10.74 40.75 14.74
C LYS A 201 11.43 39.58 15.47
N LYS A 202 12.22 38.83 14.71
CA LYS A 202 13.04 37.74 15.21
C LYS A 202 12.22 36.68 15.98
N GLY A 203 10.95 36.52 15.61
CA GLY A 203 10.08 35.56 16.18
C GLY A 203 9.51 35.93 17.51
N GLU A 204 9.52 37.21 17.83
CA GLU A 204 8.98 37.66 19.08
C GLU A 204 7.55 37.05 19.33
N VAL A 205 7.29 36.57 20.54
CA VAL A 205 5.98 36.06 20.90
C VAL A 205 5.03 37.21 21.08
N ILE A 206 4.01 37.25 20.25
CA ILE A 206 2.98 38.27 20.32
C ILE A 206 1.83 37.86 21.22
N HIS A 207 1.46 36.59 21.20
CA HIS A 207 0.45 36.08 22.09
C HIS A 207 0.89 34.70 22.53
N ARG A 208 0.77 34.48 23.84
CA ARG A 208 0.99 33.19 24.42
C ARG A 208 -0.35 32.64 24.84
N LEU A 209 -0.78 31.54 24.23
CA LEU A 209 -2.14 31.08 24.36
C LEU A 209 -2.10 29.92 25.31
N ARG A 210 -2.55 30.18 26.55
CA ARG A 210 -2.34 29.25 27.66
C ARG A 210 -3.62 28.52 27.92
N GLY A 211 -3.56 27.20 27.91
CA GLY A 211 -4.76 26.44 28.19
C GLY A 211 -4.62 24.95 27.98
N HIS A 212 -4.03 24.51 26.88
CA HIS A 212 -3.95 23.06 26.66
C HIS A 212 -2.89 22.42 27.54
N ASP A 213 -3.06 21.17 27.90
CA ASP A 213 -2.08 20.50 28.75
C ASP A 213 -1.52 19.25 28.16
N ASP A 214 -1.60 19.13 26.82
CA ASP A 214 -0.96 18.06 26.14
C ASP A 214 -0.73 18.47 24.65
N GLU A 215 -0.17 17.58 23.88
CA GLU A 215 0.28 17.86 22.52
C GLU A 215 -0.76 18.66 21.72
N ILE A 216 -0.26 19.65 21.02
CA ILE A 216 -1.05 20.36 20.00
C ILE A 216 -0.96 19.59 18.67
N HIS A 217 -2.11 19.27 18.11
CA HIS A 217 -2.18 18.47 16.89
C HIS A 217 -2.48 19.32 15.66
N SER A 218 -3.13 20.46 15.85
CA SER A 218 -3.63 21.24 14.70
CA SER A 218 -3.67 21.26 14.72
C SER A 218 -3.95 22.70 15.13
N ILE A 219 -3.63 23.64 14.25
CA ILE A 219 -3.99 25.04 14.47
C ILE A 219 -4.63 25.54 13.20
N ALA A 220 -5.83 26.07 13.32
CA ALA A 220 -6.59 26.61 12.20
C ALA A 220 -6.97 28.06 12.53
N TRP A 221 -6.55 28.99 11.71
CA TRP A 221 -6.97 30.33 11.81
C TRP A 221 -8.40 30.49 11.21
N CYS A 222 -9.15 31.37 11.83
CA CYS A 222 -10.47 31.74 11.30
C CYS A 222 -10.21 32.42 9.94
N PRO A 223 -10.91 31.99 8.93
CA PRO A 223 -10.66 32.41 7.56
C PRO A 223 -11.17 33.82 7.28
N LEU A 224 -11.96 34.39 8.17
CA LEU A 224 -12.34 35.81 8.09
C LEU A 224 -11.50 36.57 9.05
N PRO A 225 -11.07 37.80 8.67
CA PRO A 225 -10.25 38.62 9.58
C PRO A 225 -11.09 39.28 10.67
N GLY A 226 -10.43 39.74 11.72
CA GLY A 226 -11.12 40.42 12.82
C GLY A 226 -11.97 39.52 13.72
N GLU A 227 -12.69 40.15 14.66
CA GLU A 227 -13.42 39.46 15.74
C GLU A 227 -14.81 40.04 15.94
N GLY A 257 -8.34 42.28 15.21
CA GLY A 257 -7.63 41.10 15.76
C GLY A 257 -7.86 39.83 14.93
N CYS A 258 -8.04 38.67 15.58
CA CYS A 258 -8.24 37.36 14.88
C CYS A 258 -8.77 36.30 15.82
N TYR A 259 -9.47 35.31 15.27
CA TYR A 259 -9.74 34.08 16.02
C TYR A 259 -8.75 32.97 15.47
N LEU A 260 -8.34 32.05 16.34
CA LEU A 260 -7.50 30.85 16.03
C LEU A 260 -8.18 29.68 16.77
N ALA A 261 -8.25 28.48 16.17
CA ALA A 261 -8.70 27.27 16.82
C ALA A 261 -7.52 26.29 16.94
N THR A 262 -7.40 25.66 18.10
CA THR A 262 -6.38 24.66 18.38
C THR A 262 -7.00 23.34 18.81
N GLY A 263 -6.45 22.24 18.31
CA GLY A 263 -6.90 20.89 18.64
C GLY A 263 -5.73 20.20 19.38
N SER A 264 -6.04 19.41 20.42
CA SER A 264 -5.07 18.77 21.28
C SER A 264 -5.38 17.35 21.70
N LYS A 265 -4.34 16.59 21.95
CA LYS A 265 -4.39 15.32 22.58
C LYS A 265 -5.14 15.38 23.92
N ASP A 266 -5.24 16.55 24.54
CA ASP A 266 -6.09 16.77 25.75
C ASP A 266 -7.59 16.69 25.52
N GLN A 267 -8.01 16.49 24.26
CA GLN A 267 -9.40 16.15 23.93
C GLN A 267 -10.25 17.34 23.91
N THR A 268 -9.64 18.49 23.78
CA THR A 268 -10.35 19.73 23.67
C THR A 268 -9.96 20.47 22.38
N ILE A 269 -10.93 21.20 21.84
CA ILE A 269 -10.69 22.29 20.89
C ILE A 269 -10.88 23.64 21.56
N ARG A 270 -9.90 24.52 21.46
CA ARG A 270 -9.98 25.82 22.08
C ARG A 270 -9.99 26.83 20.97
N ILE A 271 -10.87 27.81 21.11
CA ILE A 271 -10.95 28.96 20.18
C ILE A 271 -10.46 30.15 20.97
N TRP A 272 -9.57 30.89 20.35
CA TRP A 272 -8.84 31.96 20.97
C TRP A 272 -9.03 33.28 20.24
N SER A 273 -8.90 34.36 21.05
CA SER A 273 -8.94 35.74 20.62
C SER A 273 -7.54 36.36 20.72
N CYS A 274 -7.03 36.90 19.63
CA CYS A 274 -5.77 37.74 19.66
C CYS A 274 -5.93 39.04 20.49
N SER A 275 -6.97 39.81 20.24
CA SER A 275 -7.19 41.06 21.01
C SER A 275 -7.24 40.81 22.55
N ARG A 276 -8.03 39.81 23.00
CA ARG A 276 -8.03 39.42 24.44
C ARG A 276 -6.73 38.63 24.85
N GLY A 277 -6.08 37.94 23.89
CA GLY A 277 -4.90 37.07 24.15
C GLY A 277 -5.31 35.84 24.96
N ARG A 278 -6.53 35.35 24.71
CA ARG A 278 -7.25 34.50 25.68
C ARG A 278 -8.31 33.64 25.01
N GLY A 279 -8.69 32.56 25.72
CA GLY A 279 -9.63 31.58 25.26
C GLY A 279 -11.01 32.17 25.28
N VAL A 280 -11.73 31.99 24.20
CA VAL A 280 -13.10 32.43 24.16
C VAL A 280 -14.05 31.25 24.17
N MET A 281 -13.58 30.03 23.98
CA MET A 281 -14.49 28.89 23.84
C MET A 281 -13.68 27.62 23.99
N ILE A 282 -14.19 26.66 24.76
CA ILE A 282 -13.53 25.36 24.97
C ILE A 282 -14.58 24.32 24.62
N LEU A 283 -14.25 23.48 23.66
CA LEU A 283 -15.09 22.34 23.29
C LEU A 283 -14.43 21.00 23.62
N LYS A 284 -15.04 20.23 24.51
CA LYS A 284 -14.55 18.91 24.83
C LYS A 284 -15.16 18.03 23.79
N LEU A 285 -14.37 17.13 23.25
CA LEU A 285 -14.86 16.09 22.34
C LEU A 285 -15.92 15.21 23.02
N PRO A 286 -16.95 14.79 22.27
CA PRO A 286 -17.97 13.88 22.79
C PRO A 286 -17.50 12.44 22.83
N PHE A 287 -18.17 11.62 23.67
CA PHE A 287 -17.92 10.15 23.71
C PHE A 287 -19.10 9.52 23.06
N LEU A 288 -18.86 8.86 21.93
CA LEU A 288 -19.88 8.31 21.05
C LEU A 288 -19.62 6.83 21.06
N LYS A 289 -20.66 6.01 20.83
CA LYS A 289 -20.47 4.55 20.61
C LYS A 289 -19.57 4.26 19.38
N ARG A 290 -18.72 3.22 19.44
CA ARG A 290 -17.88 2.78 18.30
C ARG A 290 -18.77 2.19 17.19
N ARG A 291 -18.40 2.42 15.93
CA ARG A 291 -19.21 2.01 14.77
C ARG A 291 -18.40 1.14 13.83
N GLU A 301 -5.40 2.95 20.31
CA GLU A 301 -4.59 4.18 20.10
C GLU A 301 -5.24 5.34 20.87
N ARG A 302 -4.44 6.36 21.04
CA ARG A 302 -4.84 7.57 21.66
C ARG A 302 -5.40 8.45 20.52
N LEU A 303 -5.97 9.54 20.91
CA LEU A 303 -6.57 10.50 20.03
C LEU A 303 -5.52 11.27 19.17
N TRP A 304 -5.90 11.57 17.92
CA TRP A 304 -5.34 12.70 17.17
C TRP A 304 -6.50 13.64 16.84
N LEU A 305 -6.37 14.89 17.21
CA LEU A 305 -7.39 15.93 17.05
C LEU A 305 -6.96 16.98 16.06
N THR A 306 -7.40 16.75 14.82
CA THR A 306 -7.13 17.70 13.73
C THR A 306 -8.37 18.49 13.32
N LEU A 307 -8.14 19.63 12.66
CA LEU A 307 -9.17 20.63 12.44
C LEU A 307 -9.15 21.11 11.01
N HIS A 308 -10.31 21.54 10.56
CA HIS A 308 -10.47 22.24 9.27
C HIS A 308 -11.54 23.32 9.53
N TRP A 309 -11.19 24.59 9.35
CA TRP A 309 -12.05 25.72 9.55
C TRP A 309 -12.48 26.22 8.15
N PRO A 310 -13.69 25.87 7.70
CA PRO A 310 -14.02 26.13 6.25
C PRO A 310 -14.10 27.59 5.92
N SER A 311 -13.41 28.01 4.85
CA SER A 311 -13.36 29.46 4.54
C SER A 311 -14.74 30.04 4.11
N ASN A 312 -15.61 29.20 3.59
CA ASN A 312 -16.92 29.68 3.15
C ASN A 312 -18.06 29.44 4.17
N GLN A 313 -17.74 28.77 5.29
CA GLN A 313 -18.69 28.62 6.41
C GLN A 313 -17.97 28.87 7.72
N PRO A 314 -17.62 30.11 7.99
CA PRO A 314 -16.88 30.46 9.19
C PRO A 314 -17.55 30.18 10.55
N THR A 315 -18.85 29.88 10.56
CA THR A 315 -19.54 29.44 11.78
C THR A 315 -19.48 27.95 12.01
N GLN A 316 -18.80 27.20 11.13
CA GLN A 316 -18.67 25.78 11.25
C GLN A 316 -17.16 25.48 11.41
N LEU A 317 -16.89 24.42 12.17
CA LEU A 317 -15.51 23.95 12.37
C LEU A 317 -15.57 22.49 12.29
N VAL A 318 -14.72 21.87 11.44
CA VAL A 318 -14.71 20.44 11.36
C VAL A 318 -13.52 19.91 12.19
N SER A 319 -13.75 18.83 12.94
CA SER A 319 -12.70 18.16 13.68
C SER A 319 -12.76 16.64 13.54
N SER A 320 -11.62 16.00 13.82
CA SER A 320 -11.59 14.62 14.03
C SER A 320 -12.01 14.36 15.50
N CYS A 321 -12.11 13.10 15.82
CA CYS A 321 -12.59 12.70 17.14
C CYS A 321 -12.03 11.33 17.45
N PHE A 322 -12.42 10.82 18.62
CA PHE A 322 -11.97 9.50 19.05
C PHE A 322 -12.38 8.52 17.98
N GLY A 323 -11.50 7.61 17.70
CA GLY A 323 -11.84 6.53 16.76
C GLY A 323 -11.93 6.92 15.27
N GLY A 324 -11.57 8.17 14.93
CA GLY A 324 -11.61 8.63 13.54
C GLY A 324 -12.94 9.09 13.03
N GLU A 325 -13.91 9.25 13.94
CA GLU A 325 -15.15 9.92 13.58
C GLU A 325 -14.86 11.37 13.22
N LEU A 326 -15.65 11.93 12.30
CA LEU A 326 -15.52 13.37 12.01
C LEU A 326 -16.78 14.09 12.50
N LEU A 327 -16.57 15.28 13.00
CA LEU A 327 -17.58 16.18 13.48
C LEU A 327 -17.60 17.50 12.80
N GLN A 328 -18.82 17.95 12.47
CA GLN A 328 -19.02 19.34 12.18
C GLN A 328 -19.62 20.08 13.34
N TRP A 329 -18.86 21.00 13.90
CA TRP A 329 -19.26 21.81 15.01
C TRP A 329 -19.98 23.09 14.51
N ASP A 330 -20.99 23.49 15.29
CA ASP A 330 -21.71 24.73 15.09
C ASP A 330 -21.19 25.75 16.06
N LEU A 331 -20.38 26.67 15.59
CA LEU A 331 -19.80 27.65 16.50
C LEU A 331 -20.84 28.67 16.94
N THR A 332 -22.02 28.73 16.31
CA THR A 332 -23.07 29.66 16.82
C THR A 332 -23.61 29.15 18.14
N GLN A 333 -24.01 27.87 18.18
CA GLN A 333 -24.36 27.20 19.44
C GLN A 333 -23.09 27.15 20.31
N ARG A 336 -23.65 25.38 23.77
CA ARG A 336 -24.12 24.02 24.09
C ARG A 336 -23.43 22.85 23.32
N ARG A 337 -22.21 23.04 22.86
CA ARG A 337 -21.45 21.95 22.24
C ARG A 337 -22.27 21.17 21.18
N LYS A 338 -22.78 21.90 20.21
CA LYS A 338 -23.55 21.28 19.16
C LYS A 338 -22.58 20.84 18.08
N TYR A 339 -22.71 19.62 17.68
CA TYR A 339 -22.00 19.09 16.55
C TYR A 339 -22.93 18.19 15.78
N THR A 340 -22.54 17.94 14.54
CA THR A 340 -23.12 16.89 13.70
C THR A 340 -22.07 15.89 13.31
N LEU A 341 -22.43 14.60 13.40
CA LEU A 341 -21.57 13.51 13.04
C LEU A 341 -21.56 13.25 11.55
N PHE A 342 -20.37 13.11 10.95
CA PHE A 342 -20.28 12.74 9.55
C PHE A 342 -20.73 11.30 9.41
N SER A 343 -21.42 11.01 8.31
CA SER A 343 -21.84 9.65 7.97
C SER A 343 -22.83 9.10 9.03
N ALA A 344 -23.58 9.97 9.67
CA ALA A 344 -24.43 9.56 10.78
C ALA A 344 -25.52 8.57 10.31
N SER A 345 -26.02 8.78 9.10
CA SER A 345 -27.06 7.92 8.49
C SER A 345 -26.40 6.61 8.03
N SER A 346 -25.61 6.64 6.95
CA SER A 346 -25.05 5.39 6.39
C SER A 346 -24.15 4.64 7.41
N GLU A 347 -24.14 3.31 7.35
CA GLU A 347 -23.34 2.50 8.28
C GLU A 347 -22.04 2.03 7.58
N GLY A 348 -20.99 1.88 8.37
CA GLY A 348 -19.73 1.32 7.90
C GLY A 348 -18.85 2.18 7.00
N GLN A 349 -19.20 3.46 6.80
CA GLN A 349 -18.39 4.30 5.92
CA GLN A 349 -18.45 4.36 5.91
C GLN A 349 -17.45 5.25 6.69
N ASN A 350 -17.65 5.40 7.98
CA ASN A 350 -16.71 6.15 8.82
C ASN A 350 -15.34 5.50 8.91
N HIS A 351 -14.28 6.29 9.18
CA HIS A 351 -13.04 5.68 9.54
C HIS A 351 -13.18 4.85 10.81
N SER A 352 -12.30 3.90 10.98
CA SER A 352 -12.28 2.99 12.15
C SER A 352 -11.16 3.29 13.11
N ARG A 353 -10.20 4.14 12.71
CA ARG A 353 -9.14 4.56 13.61
C ARG A 353 -8.90 6.05 13.37
N ILE A 354 -8.08 6.61 14.23
CA ILE A 354 -7.79 8.01 14.24
C ILE A 354 -7.46 8.61 12.87
N VAL A 355 -7.96 9.83 12.69
CA VAL A 355 -7.75 10.67 11.50
C VAL A 355 -6.67 11.66 11.83
N PHE A 356 -5.72 11.76 10.93
CA PHE A 356 -4.61 12.65 11.11
C PHE A 356 -4.70 14.01 10.42
N ASN A 357 -5.17 14.01 9.17
CA ASN A 357 -5.21 15.22 8.36
C ASN A 357 -6.54 15.33 7.67
N LEU A 358 -7.03 16.59 7.55
CA LEU A 358 -8.24 16.98 6.79
C LEU A 358 -7.91 18.12 5.78
N CYS A 359 -8.29 17.89 4.54
CA CYS A 359 -7.84 18.78 3.41
CA CYS A 359 -7.86 18.68 3.44
C CYS A 359 -9.06 19.11 2.58
N PRO A 360 -9.45 20.40 2.59
CA PRO A 360 -10.56 20.79 1.69
C PRO A 360 -10.13 20.88 0.23
N LEU A 361 -11.07 20.57 -0.64
CA LEU A 361 -10.81 20.58 -2.08
C LEU A 361 -12.14 21.01 -2.75
N GLN A 362 -12.14 22.16 -3.40
CA GLN A 362 -13.32 22.59 -4.16
C GLN A 362 -13.09 22.22 -5.59
N THR A 363 -13.92 21.35 -6.17
CA THR A 363 -13.63 20.88 -7.56
C THR A 363 -14.03 22.01 -8.55
N GLU A 364 -13.66 21.81 -9.80
CA GLU A 364 -13.99 22.73 -10.93
C GLU A 364 -15.48 22.90 -11.15
N ASP A 365 -16.26 21.84 -10.93
CA ASP A 365 -17.74 21.90 -10.95
C ASP A 365 -18.33 22.26 -9.57
N ASP A 366 -17.54 22.98 -8.77
CA ASP A 366 -17.92 23.57 -7.49
C ASP A 366 -18.47 22.65 -6.39
N LYS A 367 -18.21 21.34 -6.41
CA LYS A 367 -18.53 20.52 -5.25
C LYS A 367 -17.46 20.87 -4.12
N GLN A 368 -17.93 21.03 -2.87
CA GLN A 368 -17.05 21.17 -1.70
C GLN A 368 -16.76 19.77 -1.16
N LEU A 369 -15.48 19.36 -1.26
CA LEU A 369 -15.07 18.11 -0.74
C LEU A 369 -14.10 18.28 0.44
N LEU A 370 -13.98 17.22 1.24
CA LEU A 370 -12.98 17.19 2.35
C LEU A 370 -12.30 15.83 2.35
N LEU A 371 -10.94 15.82 2.25
CA LEU A 371 -10.22 14.56 2.22
C LEU A 371 -9.68 14.29 3.63
N SER A 372 -9.77 13.04 4.02
CA SER A 372 -9.23 12.59 5.36
C SER A 372 -8.26 11.46 5.24
N THR A 373 -7.18 11.48 6.04
CA THR A 373 -6.22 10.38 6.09
C THR A 373 -6.32 9.82 7.52
N SER A 374 -5.99 8.56 7.62
CA SER A 374 -6.29 7.81 8.85
C SER A 374 -5.26 6.69 9.13
N MET A 375 -5.11 6.40 10.42
CA MET A 375 -4.37 5.21 10.81
C MET A 375 -5.04 3.94 10.25
N ASP A 376 -6.30 3.98 9.79
CA ASP A 376 -6.90 2.75 9.24
C ASP A 376 -6.47 2.44 7.83
N ARG A 377 -5.62 3.32 7.27
CA ARG A 377 -4.97 3.16 5.96
C ARG A 377 -5.88 3.46 4.79
N ASP A 378 -7.01 4.09 5.04
CA ASP A 378 -7.88 4.57 3.98
C ASP A 378 -7.72 6.08 3.88
N VAL A 379 -7.77 6.59 2.64
CA VAL A 379 -8.05 7.96 2.35
C VAL A 379 -9.52 8.08 2.01
N LYS A 380 -10.25 8.94 2.69
CA LYS A 380 -11.70 9.11 2.35
C LYS A 380 -11.97 10.50 1.84
N CYS A 381 -12.92 10.63 0.93
CA CYS A 381 -13.32 11.93 0.37
C CYS A 381 -14.76 12.09 0.80
N TRP A 382 -15.03 13.18 1.51
CA TRP A 382 -16.32 13.53 2.10
C TRP A 382 -16.97 14.65 1.29
N ASP A 383 -18.23 14.43 0.99
CA ASP A 383 -19.10 15.47 0.39
C ASP A 383 -19.63 16.34 1.49
N ILE A 384 -19.12 17.55 1.60
CA ILE A 384 -19.49 18.48 2.67
C ILE A 384 -20.99 18.80 2.68
N ALA A 385 -21.59 18.81 1.51
CA ALA A 385 -23.05 19.11 1.45
C ALA A 385 -23.91 18.14 2.22
N THR A 386 -23.56 16.87 2.19
CA THR A 386 -24.34 15.82 2.82
C THR A 386 -23.64 15.21 4.02
N LEU A 387 -22.33 15.47 4.19
CA LEU A 387 -21.47 14.79 5.20
C LEU A 387 -21.37 13.26 5.04
N GLU A 388 -21.53 12.77 3.81
CA GLU A 388 -21.45 11.36 3.50
C GLU A 388 -20.18 11.10 2.79
N CYS A 389 -19.70 9.87 2.86
CA CYS A 389 -18.46 9.50 2.19
C CYS A 389 -18.65 9.28 0.71
N SER A 390 -17.96 10.05 -0.14
CA SER A 390 -18.09 9.92 -1.57
C SER A 390 -17.35 8.76 -2.09
N TRP A 391 -16.15 8.54 -1.56
CA TRP A 391 -15.35 7.50 -2.00
C TRP A 391 -14.21 7.24 -1.00
N THR A 392 -13.61 6.07 -1.16
CA THR A 392 -12.51 5.59 -0.32
C THR A 392 -11.38 5.09 -1.19
N LEU A 393 -10.11 5.47 -0.91
CA LEU A 393 -8.92 4.97 -1.58
C LEU A 393 -8.09 4.18 -0.54
N PRO A 394 -8.04 2.83 -0.65
CA PRO A 394 -7.29 2.04 0.35
C PRO A 394 -5.84 2.07 0.04
N SER A 395 -5.03 1.70 1.03
CA SER A 395 -3.63 1.78 0.86
C SER A 395 -2.97 0.64 1.61
N LEU A 396 -1.69 0.49 1.33
CA LEU A 396 -0.88 -0.61 1.88
C LEU A 396 0.25 -0.13 2.82
N GLY A 397 0.35 -0.86 3.91
CA GLY A 397 1.37 -0.52 4.95
C GLY A 397 2.57 -1.42 4.97
N GLY A 398 2.73 -2.29 3.96
CA GLY A 398 3.89 -3.14 3.86
C GLY A 398 4.12 -3.60 2.44
N PHE A 399 5.10 -4.51 2.27
CA PHE A 399 5.38 -5.04 0.95
C PHE A 399 4.12 -5.79 0.45
N ALA A 400 3.91 -5.78 -0.86
CA ALA A 400 2.88 -6.61 -1.48
C ALA A 400 3.59 -7.92 -1.90
N TYR A 401 3.44 -8.94 -1.09
CA TYR A 401 4.20 -10.14 -1.24
C TYR A 401 3.59 -11.12 -2.19
N SER A 402 2.27 -11.14 -2.21
CA SER A 402 1.55 -12.21 -2.85
C SER A 402 0.26 -11.70 -3.50
N LEU A 403 -0.05 -12.16 -4.72
CA LEU A 403 -1.30 -11.84 -5.41
C LEU A 403 -1.94 -13.15 -5.85
N ALA A 404 -3.24 -13.33 -5.58
CA ALA A 404 -3.93 -14.55 -6.00
C ALA A 404 -5.33 -14.19 -6.47
N PHE A 405 -5.66 -14.53 -7.72
CA PHE A 405 -7.05 -14.38 -8.25
C PHE A 405 -7.85 -15.65 -8.03
N SER A 406 -9.07 -15.48 -7.54
CA SER A 406 -9.95 -16.57 -7.37
C SER A 406 -10.48 -17.12 -8.73
N SER A 407 -10.47 -18.44 -8.87
CA SER A 407 -11.13 -19.08 -10.05
CA SER A 407 -11.12 -19.09 -10.04
C SER A 407 -12.65 -19.24 -9.88
N VAL A 408 -13.16 -19.01 -8.67
CA VAL A 408 -14.55 -19.19 -8.37
C VAL A 408 -15.30 -17.90 -8.50
N ASP A 409 -14.77 -16.81 -7.88
CA ASP A 409 -15.34 -15.46 -8.05
C ASP A 409 -14.42 -14.65 -8.87
N ILE A 410 -14.80 -14.51 -10.14
CA ILE A 410 -13.91 -13.90 -11.09
C ILE A 410 -13.52 -12.49 -10.64
N GLY A 411 -12.26 -12.18 -10.78
CA GLY A 411 -11.84 -10.80 -10.43
C GLY A 411 -11.57 -10.56 -8.93
N SER A 412 -11.88 -11.50 -8.05
CA SER A 412 -11.55 -11.36 -6.61
C SER A 412 -10.03 -11.67 -6.38
N LEU A 413 -9.30 -10.63 -6.01
CA LEU A 413 -7.84 -10.61 -5.92
C LEU A 413 -7.43 -10.53 -4.48
N ALA A 414 -6.81 -11.58 -3.94
CA ALA A 414 -6.29 -11.52 -2.60
C ALA A 414 -4.84 -10.98 -2.66
N ILE A 415 -4.48 -10.12 -1.68
CA ILE A 415 -3.15 -9.54 -1.64
C ILE A 415 -2.60 -9.81 -0.26
N GLY A 416 -1.39 -10.36 -0.20
CA GLY A 416 -0.74 -10.63 1.08
C GLY A 416 0.24 -9.51 1.36
N VAL A 417 0.09 -8.81 2.47
CA VAL A 417 0.81 -7.58 2.71
C VAL A 417 1.61 -7.67 4.00
N GLY A 418 2.72 -6.93 4.05
CA GLY A 418 3.60 -6.92 5.22
C GLY A 418 3.11 -6.16 6.43
N ASP A 419 1.91 -5.59 6.38
CA ASP A 419 1.25 -4.93 7.53
C ASP A 419 0.27 -5.85 8.27
N GLY A 420 0.31 -7.14 7.98
CA GLY A 420 -0.52 -8.11 8.67
C GLY A 420 -2.02 -8.20 8.37
N MET A 421 -2.47 -7.59 7.27
CA MET A 421 -3.84 -7.70 6.88
C MET A 421 -3.83 -8.27 5.46
N ILE A 422 -4.67 -9.26 5.24
CA ILE A 422 -5.06 -9.71 3.86
C ILE A 422 -6.03 -8.73 3.24
N ARG A 423 -5.83 -8.33 2.00
CA ARG A 423 -6.79 -7.51 1.27
C ARG A 423 -7.47 -8.44 0.27
N VAL A 424 -8.75 -8.23 0.08
CA VAL A 424 -9.51 -8.88 -1.02
C VAL A 424 -10.12 -7.76 -1.84
N TRP A 425 -9.54 -7.53 -3.01
CA TRP A 425 -9.90 -6.49 -3.95
C TRP A 425 -10.95 -7.09 -4.98
N ASN A 426 -12.17 -6.58 -4.93
CA ASN A 426 -13.18 -6.94 -5.97
C ASN A 426 -12.88 -6.09 -7.17
N THR A 427 -11.98 -6.58 -8.02
CA THR A 427 -11.39 -5.75 -9.05
C THR A 427 -12.43 -5.39 -10.15
N LEU A 428 -13.49 -6.19 -10.23
CA LEU A 428 -14.44 -5.99 -11.33
C LEU A 428 -15.69 -5.21 -10.84
N SER A 429 -15.59 -4.61 -9.65
CA SER A 429 -16.68 -3.81 -9.10
C SER A 429 -17.00 -2.68 -10.12
N ILE A 430 -18.28 -2.50 -10.44
CA ILE A 430 -18.61 -1.65 -11.56
C ILE A 430 -18.47 -0.18 -11.23
N LYS A 431 -18.93 0.18 -10.06
CA LYS A 431 -18.94 1.57 -9.63
C LYS A 431 -17.74 1.96 -8.78
N ASN A 432 -16.86 1.00 -8.46
CA ASN A 432 -15.72 1.28 -7.55
C ASN A 432 -14.44 0.64 -8.09
N ASN A 433 -13.47 1.44 -8.49
CA ASN A 433 -12.18 0.94 -8.97
C ASN A 433 -11.33 0.37 -7.85
N TYR A 434 -11.68 0.63 -6.61
CA TYR A 434 -10.88 0.26 -5.46
C TYR A 434 -11.74 -0.32 -4.36
N ASP A 435 -12.49 -1.36 -4.71
CA ASP A 435 -13.35 -2.03 -3.74
C ASP A 435 -12.58 -3.14 -2.99
N VAL A 436 -12.03 -2.78 -1.84
CA VAL A 436 -11.13 -3.65 -1.10
C VAL A 436 -11.67 -3.87 0.31
N LYS A 437 -11.66 -5.12 0.74
CA LYS A 437 -12.04 -5.53 2.08
CA LYS A 437 -12.04 -5.51 2.08
C LYS A 437 -10.79 -6.04 2.78
N ASN A 438 -10.67 -5.71 4.06
CA ASN A 438 -9.60 -6.12 4.93
C ASN A 438 -9.90 -7.28 5.87
N PHE A 439 -8.94 -8.21 6.00
CA PHE A 439 -9.06 -9.33 6.91
C PHE A 439 -7.83 -9.35 7.80
N TRP A 440 -8.08 -9.15 9.09
CA TRP A 440 -6.99 -8.99 10.09
C TRP A 440 -6.99 -10.08 11.16
N GLN A 441 -8.16 -10.60 11.50
CA GLN A 441 -8.28 -11.68 12.52
C GLN A 441 -7.35 -12.88 12.24
N GLY A 442 -6.60 -13.29 13.26
CA GLY A 442 -5.72 -14.45 13.24
C GLY A 442 -4.51 -14.27 12.30
N VAL A 443 -4.23 -13.06 11.81
CA VAL A 443 -3.16 -12.96 10.81
C VAL A 443 -1.91 -12.53 11.54
N LYS A 444 -1.84 -11.26 11.98
CA LYS A 444 -0.86 -10.78 13.01
C LYS A 444 0.63 -10.78 12.65
N SER A 445 0.96 -10.95 11.39
CA SER A 445 2.35 -10.87 10.95
C SER A 445 2.28 -10.81 9.43
N LYS A 446 3.43 -10.73 8.78
CA LYS A 446 3.51 -10.44 7.36
C LYS A 446 2.95 -11.62 6.57
N VAL A 447 2.05 -11.31 5.64
CA VAL A 447 1.41 -12.38 4.86
C VAL A 447 2.17 -12.58 3.59
N THR A 448 2.95 -13.66 3.53
CA THR A 448 3.92 -13.88 2.52
C THR A 448 3.43 -14.86 1.43
N ALA A 449 2.27 -15.51 1.62
CA ALA A 449 1.78 -16.46 0.59
C ALA A 449 0.25 -16.56 0.74
N LEU A 450 -0.46 -16.75 -0.37
CA LEU A 450 -1.92 -16.84 -0.41
C LEU A 450 -2.29 -17.82 -1.50
N CYS A 451 -3.39 -18.56 -1.37
CA CYS A 451 -3.90 -19.34 -2.51
C CYS A 451 -5.38 -19.66 -2.26
N TRP A 452 -6.24 -19.21 -3.14
CA TRP A 452 -7.62 -19.51 -3.06
C TRP A 452 -7.86 -21.03 -3.38
N HIS A 453 -8.83 -21.61 -2.73
CA HIS A 453 -9.25 -22.97 -3.09
C HIS A 453 -9.77 -22.90 -4.56
N PRO A 454 -9.53 -23.94 -5.37
CA PRO A 454 -9.98 -23.89 -6.76
C PRO A 454 -11.48 -24.03 -7.02
N THR A 455 -12.25 -24.49 -6.06
CA THR A 455 -13.69 -24.63 -6.24
C THR A 455 -14.59 -24.14 -5.12
N LYS A 456 -14.13 -23.98 -3.88
CA LYS A 456 -14.99 -23.61 -2.78
C LYS A 456 -14.94 -22.08 -2.64
N GLU A 457 -16.08 -21.41 -2.84
CA GLU A 457 -16.18 -19.93 -2.69
C GLU A 457 -15.69 -19.41 -1.30
N GLY A 458 -14.93 -18.33 -1.31
CA GLY A 458 -14.50 -17.77 -0.06
C GLY A 458 -13.38 -18.45 0.69
N CYS A 459 -12.84 -19.54 0.20
CA CYS A 459 -11.90 -20.29 0.98
C CYS A 459 -10.46 -19.86 0.59
N LEU A 460 -9.82 -19.15 1.48
CA LEU A 460 -8.49 -18.54 1.18
C LEU A 460 -7.44 -19.10 2.17
N ALA A 461 -6.47 -19.78 1.64
CA ALA A 461 -5.34 -20.17 2.43
C ALA A 461 -4.32 -19.05 2.50
N PHE A 462 -3.65 -18.95 3.60
CA PHE A 462 -2.58 -17.94 3.74
C PHE A 462 -1.41 -18.47 4.54
N GLY A 463 -0.25 -17.82 4.40
CA GLY A 463 0.93 -18.18 5.12
C GLY A 463 1.66 -16.91 5.53
N THR A 464 2.42 -16.99 6.61
CA THR A 464 3.10 -15.84 7.19
C THR A 464 4.57 -15.96 7.36
N ASP A 465 5.19 -14.81 7.59
CA ASP A 465 6.64 -14.76 7.76
CA ASP A 465 6.64 -14.76 7.77
C ASP A 465 7.11 -15.50 9.04
N ASP A 466 6.20 -15.75 9.96
CA ASP A 466 6.49 -16.55 11.16
C ASP A 466 6.15 -18.02 11.03
N GLY A 467 5.84 -18.46 9.83
CA GLY A 467 5.72 -19.87 9.57
C GLY A 467 4.34 -20.39 9.79
N LYS A 468 3.37 -19.49 10.00
CA LYS A 468 1.98 -19.88 10.23
C LYS A 468 1.21 -20.14 8.96
N VAL A 469 0.34 -21.15 8.94
CA VAL A 469 -0.56 -21.49 7.84
C VAL A 469 -1.97 -21.41 8.35
N GLY A 470 -2.81 -20.70 7.64
CA GLY A 470 -4.21 -20.50 8.02
C GLY A 470 -5.13 -20.64 6.87
N LEU A 471 -6.41 -20.73 7.19
CA LEU A 471 -7.44 -20.84 6.20
C LEU A 471 -8.58 -19.90 6.56
N TYR A 472 -8.81 -18.90 5.73
CA TYR A 472 -9.96 -18.01 5.87
C TYR A 472 -11.22 -18.48 5.10
N ASP A 473 -12.37 -18.18 5.72
CA ASP A 473 -13.66 -18.13 4.99
C ASP A 473 -14.01 -16.67 4.85
N THR A 474 -13.72 -16.10 3.66
CA THR A 474 -13.90 -14.71 3.42
C THR A 474 -15.37 -14.32 3.30
N TYR A 475 -16.28 -15.26 3.15
CA TYR A 475 -17.71 -14.96 3.15
C TYR A 475 -18.26 -14.87 4.57
N SER A 476 -17.47 -15.13 5.61
CA SER A 476 -17.96 -14.96 6.98
C SER A 476 -17.16 -13.89 7.69
N ASN A 477 -17.52 -13.64 8.95
CA ASN A 477 -16.71 -12.75 9.78
C ASN A 477 -16.01 -13.54 10.91
N LYS A 478 -15.94 -14.85 10.74
CA LYS A 478 -15.27 -15.70 11.69
C LYS A 478 -13.74 -15.62 11.54
N PRO A 479 -13.01 -15.75 12.65
CA PRO A 479 -11.55 -15.81 12.54
C PRO A 479 -11.11 -17.09 11.79
N PRO A 480 -9.92 -17.07 11.15
CA PRO A 480 -9.47 -18.22 10.37
C PRO A 480 -9.11 -19.44 11.18
N GLN A 481 -9.14 -20.63 10.57
CA GLN A 481 -8.57 -21.81 11.19
C GLN A 481 -7.07 -21.66 11.01
N ILE A 482 -6.34 -22.09 12.02
CA ILE A 482 -4.85 -22.06 12.02
C ILE A 482 -4.31 -23.48 12.12
N SER A 483 -3.38 -23.84 11.25
CA SER A 483 -2.61 -25.07 11.41
C SER A 483 -1.85 -25.11 12.75
N SER A 484 -1.98 -26.26 13.48
CA SER A 484 -1.16 -26.46 14.70
CA SER A 484 -1.18 -26.46 14.70
C SER A 484 0.31 -26.64 14.39
N THR A 485 0.65 -27.10 13.18
CA THR A 485 2.02 -27.22 12.82
C THR A 485 2.51 -25.93 12.11
N TYR A 486 3.65 -25.43 12.50
CA TYR A 486 4.25 -24.22 11.97
C TYR A 486 5.47 -24.61 11.19
N HIS A 487 5.79 -23.91 10.11
CA HIS A 487 7.10 -23.95 9.55
C HIS A 487 8.08 -23.21 10.43
N LYS A 488 9.31 -23.63 10.39
CA LYS A 488 10.41 -22.95 11.11
CA LYS A 488 10.36 -22.96 11.17
C LYS A 488 10.66 -21.57 10.60
N LYS A 489 10.43 -21.37 9.30
CA LYS A 489 10.69 -20.14 8.66
C LYS A 489 9.46 -19.69 7.84
N THR A 490 9.67 -18.61 7.14
CA THR A 490 8.68 -17.98 6.29
C THR A 490 7.94 -18.97 5.39
N VAL A 491 6.61 -18.87 5.31
CA VAL A 491 5.88 -19.62 4.31
C VAL A 491 6.02 -18.92 2.96
N TYR A 492 6.68 -19.55 2.00
CA TYR A 492 6.80 -18.97 0.68
C TYR A 492 5.78 -19.38 -0.37
N THR A 493 5.13 -20.50 -0.25
CA THR A 493 4.23 -20.98 -1.27
C THR A 493 3.18 -21.81 -0.66
N LEU A 494 1.96 -21.63 -1.16
CA LEU A 494 0.83 -22.48 -0.79
C LEU A 494 0.24 -23.04 -2.09
N ALA A 495 -0.18 -24.28 -2.09
CA ALA A 495 -0.81 -24.85 -3.29
C ALA A 495 -1.80 -25.90 -2.89
N TRP A 496 -2.91 -25.98 -3.64
CA TRP A 496 -3.93 -27.03 -3.41
C TRP A 496 -3.61 -28.17 -4.37
N GLY A 497 -3.77 -29.37 -3.92
CA GLY A 497 -3.62 -30.53 -4.80
C GLY A 497 -4.26 -31.77 -4.24
N PRO A 498 -4.15 -32.88 -4.99
CA PRO A 498 -4.75 -34.09 -4.41
C PRO A 498 -4.01 -34.51 -3.19
N PRO A 499 -4.69 -35.21 -2.29
CA PRO A 499 -3.98 -35.73 -1.12
C PRO A 499 -3.05 -36.90 -1.53
N VAL A 500 -2.00 -37.10 -0.73
CA VAL A 500 -1.09 -38.23 -0.94
C VAL A 500 -0.93 -38.90 0.35
N PRO A 501 -0.47 -40.17 0.34
CA PRO A 501 -0.32 -40.76 1.64
C PRO A 501 0.60 -40.06 2.56
N PRO A 502 0.37 -40.10 3.85
CA PRO A 502 -0.66 -40.93 4.55
C PRO A 502 -1.99 -40.20 4.78
N MET A 503 -2.23 -39.11 4.07
CA MET A 503 -3.51 -38.38 4.23
C MET A 503 -4.66 -39.19 3.64
N SER A 504 -5.81 -39.22 4.32
CA SER A 504 -7.11 -39.66 3.74
C SER A 504 -8.05 -38.44 3.64
N SER A 513 -11.63 -33.41 -0.57
CA SER A 513 -11.20 -33.65 -1.96
C SER A 513 -9.77 -33.12 -2.31
N LEU A 514 -9.40 -31.92 -1.84
CA LEU A 514 -8.05 -31.39 -2.04
C LEU A 514 -7.33 -31.21 -0.68
N ALA A 515 -6.01 -31.48 -0.65
CA ALA A 515 -5.18 -31.12 0.46
C ALA A 515 -4.54 -29.76 0.19
N LEU A 516 -4.10 -29.15 1.26
CA LEU A 516 -3.37 -27.89 1.18
C LEU A 516 -1.83 -28.17 1.42
N TYR A 517 -1.01 -27.72 0.52
CA TYR A 517 0.43 -27.94 0.70
C TYR A 517 1.07 -26.60 1.04
N SER A 518 2.05 -26.62 1.92
CA SER A 518 2.73 -25.35 2.27
C SER A 518 4.23 -25.58 2.23
N CYS A 519 5.00 -24.59 1.79
CA CYS A 519 6.42 -24.75 1.69
C CYS A 519 7.05 -23.62 2.48
N GLY A 520 7.90 -23.98 3.42
CA GLY A 520 8.63 -22.98 4.21
C GLY A 520 10.07 -22.73 3.83
N GLY A 521 10.64 -21.63 4.34
CA GLY A 521 12.01 -21.32 3.94
C GLY A 521 13.05 -22.29 4.45
N GLU A 522 12.67 -23.06 5.47
CA GLU A 522 13.54 -24.13 5.97
C GLU A 522 13.67 -25.30 5.05
N GLY A 523 12.77 -25.40 4.11
CA GLY A 523 12.84 -26.43 3.09
C GLY A 523 11.89 -27.61 3.19
N ILE A 524 10.91 -27.53 4.09
CA ILE A 524 9.93 -28.59 4.29
C ILE A 524 8.62 -28.22 3.60
N VAL A 525 8.04 -29.17 2.91
CA VAL A 525 6.71 -29.09 2.44
C VAL A 525 5.80 -29.91 3.32
N LEU A 526 4.79 -29.24 3.86
CA LEU A 526 3.69 -29.85 4.72
C LEU A 526 2.42 -30.06 3.92
N GLN A 527 1.76 -31.18 4.17
CA GLN A 527 0.48 -31.47 3.67
C GLN A 527 -0.54 -31.39 4.84
N HIS A 528 -1.49 -30.52 4.68
CA HIS A 528 -2.52 -30.25 5.58
C HIS A 528 -3.87 -30.72 5.09
N ASN A 529 -4.69 -31.13 6.06
CA ASN A 529 -6.11 -31.42 5.83
C ASN A 529 -6.94 -30.20 6.11
N PRO A 530 -7.58 -29.66 5.07
CA PRO A 530 -8.20 -28.36 5.27
C PRO A 530 -9.48 -28.46 6.10
N TRP A 531 -10.06 -29.66 6.20
CA TRP A 531 -11.12 -29.92 7.21
C TRP A 531 -10.63 -30.06 8.65
N LYS A 532 -9.38 -30.49 8.89
CA LYS A 532 -8.84 -30.59 10.25
C LYS A 532 -7.49 -29.94 10.40
N LEU A 533 -7.45 -28.63 10.25
CA LEU A 533 -6.20 -27.88 10.32
C LEU A 533 -5.47 -27.98 11.61
N SER A 534 -6.22 -28.14 12.70
CA SER A 534 -5.60 -28.19 13.99
C SER A 534 -5.03 -29.59 14.28
N GLY A 535 -5.39 -30.58 13.46
CA GLY A 535 -4.77 -31.89 13.51
C GLY A 535 -3.33 -32.02 12.95
N GLU A 536 -3.01 -33.22 12.51
CA GLU A 536 -1.67 -33.59 12.01
C GLU A 536 -1.45 -33.02 10.61
N ALA A 537 -0.29 -32.45 10.39
CA ALA A 537 0.22 -32.07 9.04
C ALA A 537 1.45 -32.95 8.77
N PHE A 538 1.61 -33.40 7.55
CA PHE A 538 2.63 -34.42 7.23
C PHE A 538 3.73 -33.78 6.40
N ASP A 539 4.99 -34.00 6.80
CA ASP A 539 6.13 -33.66 5.95
C ASP A 539 6.19 -34.64 4.74
N ILE A 540 6.10 -34.14 3.53
CA ILE A 540 5.94 -35.07 2.35
C ILE A 540 7.29 -35.76 2.06
N ASN A 541 8.35 -35.30 2.70
CA ASN A 541 9.67 -35.97 2.53
C ASN A 541 9.69 -37.45 2.91
N LYS A 542 8.88 -37.85 3.90
CA LYS A 542 8.79 -39.29 4.24
C LYS A 542 8.27 -40.09 3.08
N LEU A 543 7.17 -39.70 2.47
CA LEU A 543 6.62 -40.38 1.33
C LEU A 543 7.61 -40.34 0.12
N ILE A 544 8.20 -39.19 -0.14
CA ILE A 544 9.16 -39.10 -1.24
C ILE A 544 10.33 -40.10 -1.04
N ARG A 545 10.87 -40.15 0.14
CA ARG A 545 12.00 -41.03 0.47
C ARG A 545 11.59 -42.51 0.32
N ASP A 546 10.42 -42.86 0.85
CA ASP A 546 9.91 -44.25 0.72
C ASP A 546 9.60 -44.64 -0.67
N THR A 547 8.88 -43.84 -1.43
CA THR A 547 8.48 -44.25 -2.72
C THR A 547 9.72 -44.37 -3.64
N ASN A 548 10.74 -43.52 -3.41
CA ASN A 548 11.89 -43.52 -4.36
C ASN A 548 13.15 -44.18 -3.82
N SER A 549 13.09 -44.76 -2.63
CA SER A 549 14.17 -45.48 -2.01
C SER A 549 15.42 -44.64 -1.83
N ILE A 550 15.20 -43.41 -1.44
CA ILE A 550 16.29 -42.42 -1.32
C ILE A 550 17.06 -42.61 -0.02
N LYS A 551 18.40 -42.55 -0.10
CA LYS A 551 19.24 -42.74 1.08
C LYS A 551 19.92 -41.50 1.62
N TYR A 552 20.30 -40.57 0.77
CA TYR A 552 20.99 -39.38 1.22
C TYR A 552 19.90 -38.36 1.62
N LYS A 553 20.31 -37.30 2.24
CA LYS A 553 19.35 -36.25 2.68
C LYS A 553 18.62 -35.65 1.50
N LEU A 554 17.34 -35.31 1.68
CA LEU A 554 16.56 -34.71 0.58
C LEU A 554 16.92 -33.22 0.38
N PRO A 555 16.71 -32.70 -0.82
CA PRO A 555 16.99 -31.29 -1.00
C PRO A 555 16.01 -30.39 -0.17
N VAL A 556 16.48 -29.19 0.06
CA VAL A 556 15.80 -28.08 0.71
C VAL A 556 14.83 -27.50 -0.32
N HIS A 557 13.55 -27.75 -0.16
CA HIS A 557 12.48 -27.33 -1.10
C HIS A 557 12.12 -25.88 -0.93
N THR A 558 12.01 -25.15 -2.02
CA THR A 558 11.79 -23.77 -1.92
C THR A 558 10.55 -23.29 -2.74
N GLU A 559 9.92 -24.20 -3.48
CA GLU A 559 8.73 -23.83 -4.24
C GLU A 559 7.98 -25.10 -4.59
N ILE A 560 6.65 -25.01 -4.55
CA ILE A 560 5.83 -26.15 -5.00
C ILE A 560 4.84 -25.64 -6.02
N SER A 561 4.61 -26.42 -7.09
CA SER A 561 3.63 -26.00 -8.11
C SER A 561 3.06 -27.30 -8.71
N TRP A 562 1.74 -27.42 -8.60
CA TRP A 562 0.96 -28.58 -9.18
C TRP A 562 0.58 -28.27 -10.57
N LYS A 563 0.76 -29.23 -11.46
CA LYS A 563 0.30 -29.10 -12.80
C LYS A 563 -1.26 -28.99 -12.72
N ALA A 564 -1.83 -28.34 -13.73
CA ALA A 564 -3.23 -27.96 -13.77
C ALA A 564 -4.16 -29.18 -13.74
N ASP A 565 -3.74 -30.31 -14.28
CA ASP A 565 -4.57 -31.53 -14.16
C ASP A 565 -4.49 -32.24 -12.76
N GLY A 566 -3.67 -31.77 -11.82
CA GLY A 566 -3.57 -32.44 -10.52
C GLY A 566 -2.83 -33.78 -10.49
N LYS A 567 -2.08 -34.08 -11.53
CA LYS A 567 -1.40 -35.36 -11.61
C LYS A 567 0.11 -35.31 -11.40
N ILE A 568 0.68 -34.12 -11.45
CA ILE A 568 2.14 -33.91 -11.42
C ILE A 568 2.42 -32.73 -10.48
N MET A 569 3.33 -32.93 -9.52
CA MET A 569 3.78 -31.89 -8.59
C MET A 569 5.25 -31.55 -8.91
N ALA A 570 5.56 -30.30 -9.07
CA ALA A 570 6.98 -29.87 -9.27
C ALA A 570 7.44 -29.25 -7.96
N LEU A 571 8.64 -29.62 -7.50
CA LEU A 571 9.27 -28.98 -6.35
C LEU A 571 10.54 -28.33 -6.82
N GLY A 572 10.67 -27.04 -6.53
CA GLY A 572 11.91 -26.34 -6.76
C GLY A 572 12.74 -26.37 -5.52
N ASN A 573 14.07 -26.35 -5.66
CA ASN A 573 14.98 -26.51 -4.56
C ASN A 573 16.02 -25.41 -4.40
N GLU A 574 16.66 -25.37 -3.23
CA GLU A 574 17.64 -24.37 -2.93
C GLU A 574 18.83 -24.45 -3.86
N ASP A 575 19.16 -25.67 -4.30
CA ASP A 575 20.30 -25.87 -5.18
C ASP A 575 20.00 -25.61 -6.68
N GLY A 576 18.76 -25.23 -6.97
CA GLY A 576 18.40 -24.85 -8.30
C GLY A 576 17.69 -25.91 -9.06
N SER A 577 17.76 -27.15 -8.62
CA SER A 577 17.06 -28.21 -9.30
C SER A 577 15.55 -28.10 -9.15
N ILE A 578 14.84 -28.72 -10.08
CA ILE A 578 13.41 -28.88 -9.99
C ILE A 578 13.09 -30.33 -10.20
N GLU A 579 12.35 -30.91 -9.28
CA GLU A 579 11.99 -32.30 -9.32
C GLU A 579 10.54 -32.47 -9.63
N ILE A 580 10.25 -33.43 -10.48
CA ILE A 580 8.92 -33.72 -11.02
C ILE A 580 8.39 -35.04 -10.52
N PHE A 581 7.27 -35.00 -9.80
CA PHE A 581 6.73 -36.15 -9.15
C PHE A 581 5.34 -36.47 -9.67
N GLN A 582 5.01 -37.74 -9.75
CA GLN A 582 3.70 -38.15 -10.28
C GLN A 582 2.87 -38.73 -9.10
N ILE A 583 1.57 -38.48 -9.14
CA ILE A 583 0.68 -39.19 -8.21
C ILE A 583 0.59 -40.71 -8.59
N PRO A 584 0.13 -41.56 -7.68
CA PRO A 584 -0.40 -41.23 -6.35
C PRO A 584 0.59 -41.04 -5.20
N ASN A 585 1.85 -41.48 -5.40
CA ASN A 585 2.81 -41.71 -4.35
C ASN A 585 4.05 -40.84 -4.43
N LEU A 586 4.02 -39.84 -5.28
CA LEU A 586 5.13 -38.92 -5.48
C LEU A 586 6.38 -39.71 -5.91
N LYS A 587 6.15 -40.57 -6.89
CA LYS A 587 7.23 -41.16 -7.69
C LYS A 587 7.94 -40.13 -8.55
N LEU A 588 9.24 -40.04 -8.39
CA LEU A 588 10.08 -39.09 -9.07
C LEU A 588 10.25 -39.54 -10.50
N ILE A 589 9.88 -38.70 -11.47
CA ILE A 589 10.13 -39.07 -12.85
C ILE A 589 11.13 -38.22 -13.59
N CYS A 590 11.43 -37.00 -13.12
CA CYS A 590 12.33 -36.11 -13.82
C CYS A 590 13.02 -35.20 -12.85
N THR A 591 14.31 -34.93 -13.04
CA THR A 591 14.99 -33.86 -12.36
C THR A 591 15.46 -32.92 -13.45
N ILE A 592 15.10 -31.64 -13.32
CA ILE A 592 15.55 -30.62 -14.23
C ILE A 592 16.68 -29.91 -13.59
N GLN A 593 17.82 -29.92 -14.24
CA GLN A 593 18.98 -29.25 -13.67
C GLN A 593 19.36 -28.09 -14.63
N GLN A 594 18.92 -26.88 -14.31
CA GLN A 594 19.02 -25.76 -15.25
C GLN A 594 19.45 -24.52 -14.49
N HIS A 595 18.71 -24.19 -13.42
CA HIS A 595 19.07 -23.11 -12.54
C HIS A 595 20.19 -23.64 -11.64
N HIS A 596 21.07 -22.75 -11.21
CA HIS A 596 22.08 -23.15 -10.24
CA HIS A 596 22.15 -23.08 -10.27
C HIS A 596 21.91 -22.42 -8.90
N LYS A 597 20.84 -21.69 -8.75
CA LYS A 597 20.55 -20.99 -7.51
C LYS A 597 19.10 -21.26 -7.13
N LEU A 598 18.74 -20.89 -5.92
CA LEU A 598 17.43 -21.18 -5.32
C LEU A 598 16.28 -20.84 -6.26
N VAL A 599 15.37 -21.76 -6.39
CA VAL A 599 14.17 -21.56 -7.18
C VAL A 599 13.07 -20.82 -6.43
N ASN A 600 12.62 -19.69 -7.00
CA ASN A 600 11.67 -18.82 -6.36
C ASN A 600 10.25 -19.07 -6.88
N THR A 601 10.12 -19.55 -8.11
CA THR A 601 8.80 -19.55 -8.75
C THR A 601 8.78 -20.57 -9.83
N ILE A 602 7.68 -21.30 -9.85
CA ILE A 602 7.35 -22.30 -10.89
C ILE A 602 5.91 -22.11 -11.30
N SER A 603 5.66 -22.11 -12.60
CA SER A 603 4.24 -22.08 -13.07
C SER A 603 4.03 -22.92 -14.30
N TRP A 604 3.02 -23.75 -14.24
CA TRP A 604 2.62 -24.60 -15.40
C TRP A 604 1.57 -23.90 -16.24
N HIS A 605 1.70 -24.02 -17.57
CA HIS A 605 0.83 -23.36 -18.51
C HIS A 605 -0.57 -23.96 -18.38
N HIS A 606 -1.58 -23.13 -18.64
CA HIS A 606 -3.00 -23.52 -18.45
C HIS A 606 -3.38 -24.55 -19.55
N GLU A 607 -4.57 -25.13 -19.39
CA GLU A 607 -5.11 -26.23 -20.26
C GLU A 607 -6.09 -25.79 -21.38
N HIS A 608 -6.35 -24.53 -21.52
CA HIS A 608 -7.36 -24.06 -22.48
C HIS A 608 -6.79 -23.22 -23.62
N GLY A 609 -5.53 -23.46 -24.00
CA GLY A 609 -4.94 -22.79 -25.14
C GLY A 609 -5.36 -23.56 -26.40
N SER A 610 -4.81 -23.12 -27.53
CA SER A 610 -5.17 -23.66 -28.84
C SER A 610 -4.58 -25.06 -29.09
N GLN A 611 -3.41 -25.38 -28.53
CA GLN A 611 -2.80 -26.73 -28.64
C GLN A 611 -2.85 -27.47 -27.25
N PRO A 612 -3.20 -28.79 -27.26
CA PRO A 612 -3.05 -29.54 -25.97
C PRO A 612 -1.58 -29.63 -25.40
N GLU A 613 -0.55 -29.71 -26.28
CA GLU A 613 0.88 -29.74 -25.92
C GLU A 613 1.27 -28.66 -24.89
N LEU A 614 0.60 -27.51 -24.92
CA LEU A 614 0.95 -26.37 -24.05
C LEU A 614 0.81 -26.64 -22.55
N SER A 615 -0.10 -27.49 -22.12
CA SER A 615 -0.27 -27.74 -20.68
C SER A 615 0.95 -28.47 -20.05
N TYR A 616 1.91 -28.92 -20.88
CA TYR A 616 3.16 -29.54 -20.41
C TYR A 616 4.28 -28.56 -20.26
N LEU A 617 4.03 -27.28 -20.53
CA LEU A 617 5.10 -26.27 -20.48
C LEU A 617 5.20 -25.80 -19.02
N MET A 618 6.42 -25.66 -18.52
CA MET A 618 6.65 -25.23 -17.13
C MET A 618 7.66 -24.14 -17.15
N ALA A 619 7.31 -22.94 -16.61
CA ALA A 619 8.27 -21.81 -16.52
C ALA A 619 8.87 -21.76 -15.14
N SER A 620 10.11 -21.33 -15.01
CA SER A 620 10.70 -21.21 -13.70
C SER A 620 11.69 -20.09 -13.59
N GLY A 621 11.73 -19.53 -12.38
CA GLY A 621 12.65 -18.47 -12.04
C GLY A 621 13.39 -18.73 -10.73
N SER A 622 14.63 -18.24 -10.66
CA SER A 622 15.55 -18.43 -9.63
C SER A 622 16.22 -17.20 -9.22
N ASN A 623 17.23 -17.29 -8.37
CA ASN A 623 18.00 -16.12 -8.00
C ASN A 623 18.89 -15.60 -9.09
N ASN A 624 19.05 -16.35 -10.14
CA ASN A 624 19.64 -15.77 -11.33
C ASN A 624 18.55 -15.10 -12.18
N ALA A 625 19.00 -14.23 -13.08
CA ALA A 625 18.09 -13.45 -13.93
C ALA A 625 17.45 -14.18 -15.08
N VAL A 626 18.05 -15.25 -15.57
CA VAL A 626 17.53 -15.92 -16.76
CA VAL A 626 17.57 -15.94 -16.76
C VAL A 626 16.37 -16.83 -16.41
N ILE A 627 15.33 -16.77 -17.19
CA ILE A 627 14.17 -17.60 -17.00
C ILE A 627 14.18 -18.79 -17.94
N TYR A 628 13.74 -19.97 -17.48
CA TYR A 628 13.67 -21.11 -18.35
C TYR A 628 12.25 -21.62 -18.52
N VAL A 629 11.97 -22.18 -19.68
CA VAL A 629 10.78 -22.94 -19.88
C VAL A 629 11.25 -24.37 -20.24
N HIS A 630 10.52 -25.38 -19.72
CA HIS A 630 10.78 -26.78 -19.99
C HIS A 630 9.49 -27.35 -20.47
N ASN A 631 9.64 -28.28 -21.40
CA ASN A 631 8.49 -28.99 -21.95
C ASN A 631 8.54 -30.42 -21.49
N LEU A 632 7.60 -30.79 -20.64
CA LEU A 632 7.67 -32.10 -19.98
CA LEU A 632 7.63 -32.09 -19.93
C LEU A 632 6.73 -33.16 -20.60
N LYS A 633 6.23 -32.89 -21.82
CA LYS A 633 5.37 -33.88 -22.52
C LYS A 633 6.04 -35.31 -22.61
N THR A 634 7.20 -35.34 -23.24
CA THR A 634 7.87 -36.63 -23.51
C THR A 634 8.08 -37.42 -22.23
N VAL A 635 8.67 -36.81 -21.19
CA VAL A 635 8.88 -37.56 -19.91
C VAL A 635 7.59 -37.99 -19.18
N ILE A 636 6.64 -37.07 -19.07
CA ILE A 636 5.37 -37.37 -18.41
C ILE A 636 4.66 -38.49 -19.19
N GLU A 637 4.66 -38.45 -20.51
CA GLU A 637 3.89 -39.45 -21.29
C GLU A 637 4.55 -40.83 -21.27
N SER A 638 5.87 -40.91 -21.13
CA SER A 638 6.55 -42.22 -21.01
C SER A 638 6.50 -42.89 -19.61
N SER A 639 5.85 -42.27 -18.63
CA SER A 639 5.93 -42.65 -17.20
C SER A 639 7.18 -43.51 -16.83
N PRO A 640 8.41 -42.92 -16.88
CA PRO A 640 9.56 -43.83 -16.74
C PRO A 640 9.69 -44.48 -15.35
N GLU A 641 10.31 -45.65 -15.36
CA GLU A 641 10.46 -46.52 -14.18
C GLU A 641 11.61 -46.02 -13.34
N SER A 642 12.64 -45.45 -14.01
CA SER A 642 13.66 -44.67 -13.30
C SER A 642 13.76 -43.26 -13.89
N PRO A 643 14.05 -42.32 -13.02
CA PRO A 643 13.90 -40.95 -13.42
C PRO A 643 14.91 -40.44 -14.45
N VAL A 644 14.47 -39.53 -15.30
CA VAL A 644 15.24 -38.87 -16.37
C VAL A 644 15.86 -37.58 -15.82
N THR A 645 17.06 -37.20 -16.25
CA THR A 645 17.62 -35.83 -16.00
C THR A 645 17.52 -34.98 -17.23
N ILE A 646 17.00 -33.74 -17.10
CA ILE A 646 16.93 -32.83 -18.24
C ILE A 646 17.90 -31.72 -17.93
N THR A 647 18.77 -31.36 -18.87
CA THR A 647 19.80 -30.33 -18.65
C THR A 647 19.81 -29.30 -19.77
N GLU A 648 18.83 -29.32 -20.66
CA GLU A 648 18.71 -28.33 -21.73
C GLU A 648 17.28 -27.76 -21.62
N PRO A 649 17.17 -26.46 -21.77
CA PRO A 649 15.84 -25.83 -21.71
C PRO A 649 15.12 -25.95 -23.00
N TYR A 650 13.80 -25.97 -22.92
CA TYR A 650 13.01 -25.86 -24.12
C TYR A 650 13.07 -24.43 -24.69
N ARG A 651 12.90 -23.41 -23.82
CA ARG A 651 13.11 -22.03 -24.19
C ARG A 651 13.84 -21.30 -23.09
N THR A 652 14.52 -20.24 -23.45
CA THR A 652 15.33 -19.45 -22.56
C THR A 652 14.93 -18.03 -22.71
N LEU A 653 14.63 -17.36 -21.59
CA LEU A 653 14.18 -15.96 -21.64
C LEU A 653 15.12 -15.07 -20.90
N SER A 654 15.98 -14.40 -21.64
CA SER A 654 17.01 -13.49 -21.10
C SER A 654 16.68 -12.05 -21.28
N GLY A 655 17.07 -11.24 -20.31
CA GLY A 655 16.73 -9.83 -20.37
C GLY A 655 16.76 -9.19 -19.01
N HIS A 656 16.27 -9.90 -17.95
CA HIS A 656 16.31 -9.27 -16.67
C HIS A 656 17.75 -9.16 -16.15
N THR A 657 17.94 -8.30 -15.18
CA THR A 657 19.25 -8.14 -14.57
C THR A 657 19.35 -8.50 -13.10
N ALA A 658 18.30 -9.13 -12.53
CA ALA A 658 18.35 -9.50 -11.09
C ALA A 658 17.28 -10.60 -10.87
N LYS A 659 17.27 -11.14 -9.65
CA LYS A 659 16.45 -12.34 -9.39
C LYS A 659 14.98 -12.25 -9.82
N ILE A 660 14.43 -13.39 -10.17
CA ILE A 660 13.09 -13.53 -10.67
C ILE A 660 12.27 -14.10 -9.46
N THR A 661 11.30 -13.30 -9.02
CA THR A 661 10.48 -13.65 -7.86
C THR A 661 9.20 -14.36 -8.20
N SER A 662 8.71 -14.15 -9.41
CA SER A 662 7.41 -14.66 -9.79
C SER A 662 7.24 -14.73 -11.29
N VAL A 663 6.70 -15.82 -11.79
CA VAL A 663 6.31 -15.91 -13.21
C VAL A 663 4.88 -16.40 -13.30
N ALA A 664 4.14 -15.94 -14.31
CA ALA A 664 2.74 -16.35 -14.51
C ALA A 664 2.43 -16.41 -16.03
N TRP A 665 1.63 -17.39 -16.44
CA TRP A 665 1.25 -17.53 -17.85
C TRP A 665 -0.04 -16.76 -18.09
N SER A 666 -0.18 -16.13 -19.25
CA SER A 666 -1.47 -15.53 -19.62
C SER A 666 -2.53 -16.55 -19.80
N PRO A 667 -3.69 -16.40 -19.11
CA PRO A 667 -4.81 -17.28 -19.45
C PRO A 667 -5.45 -16.93 -20.82
N HIS A 668 -5.04 -15.81 -21.46
CA HIS A 668 -5.66 -15.32 -22.72
C HIS A 668 -4.92 -15.72 -24.01
N HIS A 669 -3.77 -16.36 -23.87
CA HIS A 669 -2.87 -16.58 -24.96
C HIS A 669 -2.26 -17.97 -24.83
N ASP A 670 -1.59 -18.39 -25.89
CA ASP A 670 -0.77 -19.54 -25.91
C ASP A 670 0.66 -19.07 -25.67
N GLY A 671 1.28 -19.47 -24.56
CA GLY A 671 2.72 -19.34 -24.43
C GLY A 671 3.19 -17.92 -24.16
N ARG A 672 2.32 -17.12 -23.50
CA ARG A 672 2.67 -15.78 -23.08
C ARG A 672 2.90 -15.71 -21.57
N LEU A 673 4.05 -15.19 -21.17
CA LEU A 673 4.52 -15.26 -19.78
C LEU A 673 4.77 -13.89 -19.30
N VAL A 674 4.46 -13.59 -18.03
CA VAL A 674 4.92 -12.38 -17.39
C VAL A 674 5.85 -12.75 -16.23
N SER A 675 6.94 -11.99 -16.08
CA SER A 675 7.89 -12.22 -15.03
C SER A 675 8.03 -10.97 -14.17
N ALA A 676 8.25 -11.19 -12.88
CA ALA A 676 8.57 -10.10 -11.97
C ALA A 676 10.01 -10.23 -11.48
N SER A 677 10.72 -9.10 -11.37
CA SER A 677 12.11 -9.14 -11.01
C SER A 677 12.51 -8.15 -9.98
N TYR A 678 13.59 -8.48 -9.23
CA TYR A 678 14.31 -7.56 -8.36
C TYR A 678 14.96 -6.38 -9.13
N ASP A 679 15.01 -6.49 -10.44
CA ASP A 679 15.49 -5.37 -11.31
C ASP A 679 14.49 -4.23 -11.38
N GLY A 680 13.30 -4.42 -10.79
CA GLY A 680 12.30 -3.39 -10.67
C GLY A 680 11.37 -3.31 -11.82
N THR A 681 11.31 -4.33 -12.63
CA THR A 681 10.47 -4.34 -13.76
C THR A 681 9.73 -5.62 -13.85
N ALA A 682 8.61 -5.55 -14.51
CA ALA A 682 7.91 -6.73 -14.99
C ALA A 682 8.02 -6.87 -16.50
N GLN A 683 8.18 -8.08 -17.00
CA GLN A 683 8.39 -8.33 -18.44
C GLN A 683 7.42 -9.33 -18.99
N VAL A 684 6.76 -8.95 -20.06
CA VAL A 684 5.88 -9.87 -20.85
C VAL A 684 6.70 -10.48 -21.99
N TRP A 685 6.63 -11.80 -22.12
CA TRP A 685 7.40 -12.51 -23.13
C TRP A 685 6.47 -13.32 -24.01
N ASP A 686 6.77 -13.37 -25.33
CA ASP A 686 6.26 -14.49 -26.12
C ASP A 686 7.25 -15.66 -25.91
N ALA A 687 6.89 -16.60 -25.02
CA ALA A 687 7.90 -17.54 -24.55
C ALA A 687 8.29 -18.51 -25.63
N LEU A 688 7.31 -18.88 -26.45
CA LEU A 688 7.56 -19.77 -27.57
C LEU A 688 8.47 -19.18 -28.62
N ARG A 689 8.49 -17.87 -28.81
CA ARG A 689 9.45 -17.29 -29.73
C ARG A 689 10.64 -16.63 -29.04
N GLU A 690 10.76 -16.82 -27.71
CA GLU A 690 11.81 -16.18 -26.89
C GLU A 690 11.92 -14.68 -27.12
N GLU A 691 10.77 -14.06 -27.18
CA GLU A 691 10.71 -12.66 -27.61
C GLU A 691 10.19 -11.77 -26.49
N PRO A 692 11.02 -10.86 -26.01
CA PRO A 692 10.51 -9.86 -25.04
C PRO A 692 9.53 -8.88 -25.68
N LEU A 693 8.33 -8.71 -25.11
CA LEU A 693 7.26 -7.83 -25.70
C LEU A 693 7.08 -6.47 -25.05
N CYS A 694 7.05 -6.44 -23.70
CA CYS A 694 6.60 -5.29 -23.00
C CYS A 694 7.22 -5.29 -21.61
N ASN A 695 7.82 -4.16 -21.20
CA ASN A 695 8.45 -4.04 -19.98
C ASN A 695 7.79 -2.91 -19.17
N PHE A 696 7.25 -3.23 -17.97
CA PHE A 696 6.63 -2.24 -17.08
C PHE A 696 7.64 -1.78 -16.04
N ARG A 697 7.78 -0.47 -15.95
CA ARG A 697 8.78 0.18 -15.08
C ARG A 697 8.14 1.10 -14.07
N GLY A 698 6.85 0.94 -13.83
CA GLY A 698 6.14 1.83 -12.89
C GLY A 698 6.48 1.72 -11.42
N HIS A 699 6.97 0.55 -10.97
CA HIS A 699 7.30 0.40 -9.59
C HIS A 699 8.60 1.12 -9.28
N GLN A 700 8.74 1.56 -8.05
CA GLN A 700 10.01 2.05 -7.54
C GLN A 700 10.81 0.96 -6.90
N GLY A 701 10.14 -0.12 -6.50
CA GLY A 701 10.80 -1.14 -5.71
C GLY A 701 11.08 -2.40 -6.48
N ARG A 702 11.44 -3.43 -5.72
CA ARG A 702 11.72 -4.73 -6.25
C ARG A 702 10.43 -5.52 -6.28
N LEU A 703 10.10 -6.11 -7.43
CA LEU A 703 8.83 -6.81 -7.60
C LEU A 703 8.87 -8.19 -6.95
N LEU A 704 7.78 -8.55 -6.31
CA LEU A 704 7.64 -9.75 -5.60
C LEU A 704 6.58 -10.66 -6.17
N CYS A 705 5.65 -10.15 -6.93
CA CYS A 705 4.50 -10.94 -7.43
C CYS A 705 3.86 -10.30 -8.63
N VAL A 706 3.24 -11.12 -9.47
CA VAL A 706 2.59 -10.66 -10.68
C VAL A 706 1.41 -11.59 -10.95
N ALA A 707 0.34 -11.06 -11.52
CA ALA A 707 -0.77 -11.93 -11.91
C ALA A 707 -1.46 -11.32 -13.07
N TRP A 708 -1.81 -12.10 -14.08
CA TRP A 708 -2.59 -11.54 -15.24
CA TRP A 708 -2.61 -11.60 -15.25
C TRP A 708 -4.03 -11.22 -14.84
N SER A 709 -4.62 -10.15 -15.37
CA SER A 709 -6.03 -9.93 -15.03
C SER A 709 -6.85 -11.03 -15.68
N PRO A 710 -7.94 -11.42 -15.06
CA PRO A 710 -8.69 -12.59 -15.58
C PRO A 710 -9.56 -12.27 -16.82
N LEU A 711 -9.98 -11.00 -17.01
CA LEU A 711 -10.78 -10.66 -18.20
C LEU A 711 -10.13 -9.82 -19.27
N ASP A 712 -9.10 -9.09 -18.95
CA ASP A 712 -8.43 -8.21 -19.94
C ASP A 712 -7.06 -8.74 -20.34
N PRO A 713 -6.93 -9.16 -21.60
CA PRO A 713 -5.66 -9.69 -22.04
C PRO A 713 -4.46 -8.74 -22.01
N ASP A 714 -4.75 -7.46 -21.92
CA ASP A 714 -3.82 -6.36 -21.92
C ASP A 714 -3.44 -5.91 -20.50
N CYS A 715 -4.13 -6.44 -19.48
CA CYS A 715 -3.94 -5.94 -18.12
CA CYS A 715 -4.01 -5.96 -18.08
C CYS A 715 -3.33 -6.95 -17.15
N ILE A 716 -2.33 -6.46 -16.42
CA ILE A 716 -1.53 -7.23 -15.49
C ILE A 716 -1.51 -6.44 -14.12
N TYR A 717 -1.44 -7.17 -13.02
CA TYR A 717 -1.20 -6.65 -11.64
C TYR A 717 0.14 -7.11 -11.18
N SER A 718 0.92 -6.19 -10.61
CA SER A 718 2.12 -6.56 -10.00
C SER A 718 2.22 -5.87 -8.60
N GLY A 719 2.91 -6.52 -7.70
CA GLY A 719 3.14 -6.06 -6.31
C GLY A 719 4.66 -6.02 -6.01
N ALA A 720 5.07 -5.07 -5.19
CA ALA A 720 6.52 -4.83 -4.91
C ALA A 720 6.78 -4.40 -3.47
N ASP A 721 8.07 -4.33 -3.16
CA ASP A 721 8.49 -3.87 -1.86
C ASP A 721 8.51 -2.33 -1.68
N ASP A 722 7.97 -1.64 -2.66
CA ASP A 722 7.61 -0.23 -2.62
C ASP A 722 6.25 0.00 -1.98
N PHE A 723 5.61 -1.06 -1.45
CA PHE A 723 4.29 -1.05 -0.83
C PHE A 723 3.17 -0.67 -1.81
N CYS A 724 3.34 -0.97 -3.09
CA CYS A 724 2.40 -0.64 -4.15
C CYS A 724 1.92 -1.89 -4.85
N VAL A 725 0.64 -1.88 -5.22
CA VAL A 725 0.16 -2.78 -6.24
C VAL A 725 -0.27 -1.93 -7.43
N HIS A 726 0.27 -2.22 -8.59
CA HIS A 726 -0.12 -1.55 -9.81
C HIS A 726 -0.90 -2.47 -10.72
N LYS A 727 -1.93 -1.89 -11.30
CA LYS A 727 -2.67 -2.52 -12.37
C LYS A 727 -2.29 -1.75 -13.63
N TRP A 728 -1.73 -2.44 -14.65
CA TRP A 728 -1.22 -1.74 -15.81
C TRP A 728 -1.56 -2.46 -17.09
N LEU A 729 -1.49 -1.70 -18.19
CA LEU A 729 -1.83 -2.14 -19.53
C LEU A 729 -0.60 -2.29 -20.39
N THR A 730 -0.46 -3.46 -21.00
CA THR A 730 0.69 -3.69 -21.86
C THR A 730 0.67 -2.66 -22.99
N SER A 731 -0.51 -2.31 -23.47
CA SER A 731 -0.63 -1.37 -24.58
C SER A 731 -0.12 0.04 -24.31
N MET A 732 0.06 0.40 -23.03
CA MET A 732 0.46 1.73 -22.61
C MET A 732 1.91 1.84 -22.26
N GLN A 733 2.66 0.77 -22.40
CA GLN A 733 4.05 0.80 -21.97
C GLN A 733 4.93 1.07 -23.21
N ASP A 734 5.96 1.88 -22.98
CA ASP A 734 6.87 2.41 -24.01
C ASP A 734 8.16 1.57 -24.22
N HIS A 735 8.43 0.52 -23.41
CA HIS A 735 9.61 -0.30 -23.61
C HIS A 735 9.24 -1.74 -23.87
N SER A 736 10.15 -2.45 -24.57
CA SER A 736 9.85 -3.82 -24.99
C SER A 736 10.63 -4.81 -24.12
N ARG A 737 11.66 -4.34 -23.44
CA ARG A 737 12.55 -5.26 -22.74
C ARG A 737 13.14 -4.54 -21.51
N PRO A 738 13.71 -5.27 -20.54
CA PRO A 738 14.19 -4.67 -19.34
C PRO A 738 15.43 -3.78 -19.58
N PRO A 739 15.66 -2.80 -18.74
CA PRO A 739 16.92 -2.02 -18.84
C PRO A 739 18.17 -2.93 -18.87
N GLN A 740 19.23 -2.57 -19.61
CA GLN A 740 20.49 -3.38 -19.69
C GLN A 740 21.43 -3.18 -18.50
#